data_8SQU
#
_entry.id   8SQU
#
_cell.length_a   1.00
_cell.length_b   1.00
_cell.length_c   1.00
_cell.angle_alpha   90.00
_cell.angle_beta   90.00
_cell.angle_gamma   90.00
#
_symmetry.space_group_name_H-M   'P 1'
#
loop_
_entity.id
_entity.type
_entity.pdbx_description
1 polymer TIR-APAZ
2 polymer 'short pAgo'
3 polymer 'guide RNA'
4 polymer 'target DNA'
5 non-polymer 'MAGNESIUM ION'
#
loop_
_entity_poly.entity_id
_entity_poly.type
_entity_poly.pdbx_seq_one_letter_code
_entity_poly.pdbx_strand_id
1 'polypeptide(L)'
;RNKIFISHATPDDNDFTRWLALKLIGLGYEVWCDILFLDKGVDFWSNIEKVIREDTCKFLLVSSSYSNQREGVLKELAVA
AKVKKQLKDDKFIIPLAIDEQLSYDDINIDIVRLNAIDFKMSWARGLKDILEAFEKQKVPKEVADASKSNLLYQQIFLHD
KSVIEKEEIYDSNWLSILSFPEELRFHEYNWMLPKRFDVRELTFPAVRYKNYLCTFAWAYDFTYHLPKTETYHKSKTIRI
PTEEILSGSYDSNFIRNAECKRLIVQLLNKAFELRMKDKEVQEYEMSNKTAYWLEKGKLEKDKFEKTMLVGKQKDKNWHF
AISGASKLYPFPVLMISSHIFFTADGKKLIDSSSVQHSSRRRQGKNWWNNTWRTKLLAFIKYLSDDDTSFYLEMGSEEKV
FVSNEPVKFKGNVSYNIPEKNTLEEEAELSGFNQGEDIEELEELIENLEAE
;
A
2 'polypeptide(L)'
;MKELIYIEEPKILFAHGQKCTDARDGLALFGPLNNLYGIKSGVIGTKQGLKIFRDYLDHIQKPIYNSNSITRPMFPGFEA
VFDCKWESTGITFKEVTNEDIGKFLYNSSTHKRTYDLVSLFIDKIISANKNEDENVDVWFVIVPDEIYKYCRPNSVLPKE
MVQTKALMSKSKAKSFRYEPSLFPDINIELKEQEKEAETYNYDAQFHDQFKARLLKHTIPTQIFRESTLAWRDFKNAFGL
PIRDFSKIEGHLAWTISTAAFYKAGGKPWKLSDVRNGVCYLGLVYKKVEKSKNPRNACCAAQMFLDNGDGTVFKGEVGPW
YNPKNGQYHLEPKEAKALLSQSLQSYKEQIGEYPKEVFIHAKTRFNHQEWDAFLEVTPKETNLVGVTISKTKPLKLYKTE
GDYTILRGNAYVVNERSAFLWTVGYVPKIQTALSMEVPNPLFIEINKGEADIKQVLKDILSLTKLNYNACIFADGEPVTL
RFADKIGEILTASTDIKTPPLAFKYYI
;
B
3 'polyribonucleotide' UGACGGCUCUAAUCUAUUAGU C
4 'polydeoxyribonucleotide'
;(DC)(DA)(DA)(DC)(DT)(DA)(DA)(DT)(DA)(DG)(DA)(DT)(DT)(DA)(DG)(DA)(DG)(DC)(DC)(DG)
(DT)(DC)(DA)(DA)(DT)
;
D
#
loop_
_chem_comp.id
_chem_comp.type
_chem_comp.name
_chem_comp.formula
A RNA linking ADENOSINE-5'-MONOPHOSPHATE 'C10 H14 N5 O7 P'
C RNA linking CYTIDINE-5'-MONOPHOSPHATE 'C9 H14 N3 O8 P'
DA DNA linking 2'-DEOXYADENOSINE-5'-MONOPHOSPHATE 'C10 H14 N5 O6 P'
DC DNA linking 2'-DEOXYCYTIDINE-5'-MONOPHOSPHATE 'C9 H14 N3 O7 P'
DG DNA linking 2'-DEOXYGUANOSINE-5'-MONOPHOSPHATE 'C10 H14 N5 O7 P'
DT DNA linking THYMIDINE-5'-MONOPHOSPHATE 'C10 H15 N2 O8 P'
G RNA linking GUANOSINE-5'-MONOPHOSPHATE 'C10 H14 N5 O8 P'
MG non-polymer 'MAGNESIUM ION' 'Mg 2'
U RNA linking URIDINE-5'-MONOPHOSPHATE 'C9 H13 N2 O9 P'
#
# COMPACT_ATOMS: atom_id res chain seq x y z
N ARG A 1 -11.94 -43.93 25.77
CA ARG A 1 -12.03 -43.05 26.93
C ARG A 1 -11.29 -41.73 26.67
N ASN A 2 -11.53 -40.75 27.53
CA ASN A 2 -10.91 -39.42 27.46
C ASN A 2 -11.24 -38.71 26.16
N LYS A 3 -12.33 -39.10 25.49
CA LYS A 3 -12.77 -38.46 24.25
C LYS A 3 -14.26 -38.22 24.32
N ILE A 4 -14.69 -37.07 23.80
CA ILE A 4 -16.10 -36.67 23.80
C ILE A 4 -16.54 -36.47 22.36
N PHE A 5 -17.65 -37.10 22.00
CA PHE A 5 -18.20 -36.98 20.65
C PHE A 5 -18.77 -35.59 20.41
N PRO A 11 -24.54 -26.85 4.88
CA PRO A 11 -23.41 -25.93 4.73
C PRO A 11 -23.83 -24.47 4.86
N ASP A 12 -24.54 -24.15 5.96
CA ASP A 12 -25.00 -22.79 6.21
C ASP A 12 -24.29 -22.13 7.39
N ASP A 13 -23.75 -22.90 8.32
CA ASP A 13 -23.06 -22.35 9.47
C ASP A 13 -21.62 -22.83 9.52
N ASN A 14 -20.93 -22.78 8.39
CA ASN A 14 -19.57 -23.33 8.31
C ASN A 14 -18.61 -22.59 9.22
N ASP A 15 -18.57 -21.25 9.11
CA ASP A 15 -17.66 -20.48 9.94
C ASP A 15 -18.13 -20.41 11.39
N PHE A 16 -19.46 -20.42 11.61
CA PHE A 16 -19.96 -20.46 12.98
C PHE A 16 -19.51 -21.74 13.67
N THR A 17 -19.65 -22.88 13.00
CA THR A 17 -19.21 -24.15 13.57
C THR A 17 -17.69 -24.17 13.74
N ARG A 18 -16.96 -23.62 12.77
CA ARG A 18 -15.51 -23.54 12.86
C ARG A 18 -15.08 -22.78 14.11
N TRP A 19 -15.63 -21.58 14.30
CA TRP A 19 -15.27 -20.75 15.45
C TRP A 19 -15.71 -21.41 16.76
N LEU A 20 -16.90 -22.02 16.77
CA LEU A 20 -17.38 -22.67 17.98
C LEU A 20 -16.46 -23.81 18.39
N ALA A 21 -16.09 -24.67 17.43
CA ALA A 21 -15.20 -25.78 17.74
C ALA A 21 -13.83 -25.29 18.19
N LEU A 22 -13.29 -24.28 17.50
CA LEU A 22 -11.98 -23.77 17.88
C LEU A 22 -12.00 -23.17 19.27
N LYS A 23 -13.06 -22.45 19.61
CA LYS A 23 -13.16 -21.85 20.94
C LYS A 23 -13.37 -22.90 22.02
N LEU A 24 -14.18 -23.93 21.73
CA LEU A 24 -14.38 -25.01 22.69
C LEU A 24 -13.07 -25.75 22.94
N ILE A 25 -12.26 -25.93 21.91
CA ILE A 25 -10.93 -26.52 22.10
C ILE A 25 -10.05 -25.57 22.91
N GLY A 26 -10.15 -24.27 22.65
CA GLY A 26 -9.30 -23.31 23.33
C GLY A 26 -9.52 -23.28 24.83
N LEU A 27 -10.74 -23.52 25.28
CA LEU A 27 -11.05 -23.55 26.70
C LEU A 27 -10.84 -24.93 27.33
N GLY A 28 -10.37 -25.90 26.55
CA GLY A 28 -10.06 -27.22 27.08
C GLY A 28 -11.11 -28.28 26.90
N TYR A 29 -12.16 -28.01 26.12
CA TYR A 29 -13.19 -29.01 25.85
C TYR A 29 -12.85 -29.73 24.55
N GLU A 30 -12.74 -31.06 24.63
CA GLU A 30 -12.37 -31.85 23.47
C GLU A 30 -13.55 -31.96 22.51
N VAL A 31 -13.32 -31.66 21.24
CA VAL A 31 -14.35 -31.70 20.20
C VAL A 31 -13.84 -32.55 19.06
N TRP A 32 -14.65 -33.51 18.64
CA TRP A 32 -14.35 -34.37 17.49
C TRP A 32 -15.27 -34.00 16.34
N CYS A 33 -14.67 -33.74 15.17
CA CYS A 33 -15.44 -33.31 14.01
C CYS A 33 -14.72 -33.77 12.75
N ASP A 34 -15.47 -33.78 11.65
CA ASP A 34 -14.94 -34.21 10.36
C ASP A 34 -13.98 -33.19 9.75
N ILE A 35 -13.88 -31.98 10.31
CA ILE A 35 -12.99 -30.96 9.76
C ILE A 35 -11.54 -31.15 10.19
N LEU A 36 -11.23 -32.23 10.91
CA LEU A 36 -9.86 -32.50 11.34
C LEU A 36 -9.13 -33.36 10.31
N PHE A 37 -9.71 -34.50 9.94
CA PHE A 37 -9.13 -35.39 8.94
C PHE A 37 -9.66 -34.96 7.58
N LEU A 38 -8.81 -34.30 6.78
CA LEU A 38 -9.21 -33.87 5.46
C LEU A 38 -9.49 -35.07 4.54
N ASP A 39 -8.65 -36.10 4.63
CA ASP A 39 -8.84 -37.29 3.81
C ASP A 39 -10.11 -38.03 4.21
N LYS A 40 -10.83 -38.53 3.22
CA LYS A 40 -12.06 -39.27 3.43
C LYS A 40 -11.92 -40.67 2.84
N GLY A 41 -13.01 -41.43 2.87
CA GLY A 41 -13.02 -42.79 2.34
C GLY A 41 -12.34 -43.79 3.26
N ASP A 43 -12.46 -45.71 5.90
CA ASP A 43 -13.11 -45.73 7.21
C ASP A 43 -13.65 -44.34 7.56
N PHE A 44 -14.95 -44.13 7.27
CA PHE A 44 -15.61 -42.86 7.55
C PHE A 44 -16.85 -43.00 8.42
N TRP A 45 -17.58 -44.10 8.31
CA TRP A 45 -18.80 -44.33 9.09
C TRP A 45 -18.67 -45.45 10.11
N SER A 46 -17.85 -46.46 9.83
CA SER A 46 -17.68 -47.57 10.78
C SER A 46 -17.07 -47.08 12.09
N ASN A 47 -16.11 -46.15 12.00
CA ASN A 47 -15.49 -45.61 13.21
C ASN A 47 -16.52 -44.88 14.08
N ILE A 48 -17.41 -44.11 13.45
CA ILE A 48 -18.42 -43.38 14.19
C ILE A 48 -19.37 -44.35 14.90
N GLU A 49 -19.80 -45.40 14.19
CA GLU A 49 -20.68 -46.40 14.80
C GLU A 49 -19.97 -47.12 15.95
N LYS A 50 -18.70 -47.46 15.78
CA LYS A 50 -17.95 -48.11 16.84
C LYS A 50 -17.82 -47.22 18.06
N VAL A 51 -17.56 -45.93 17.85
CA VAL A 51 -17.46 -44.98 18.96
C VAL A 51 -18.80 -44.87 19.67
N ILE A 52 -19.90 -44.80 18.91
CA ILE A 52 -21.23 -44.69 19.50
C ILE A 52 -21.55 -45.93 20.33
N ARG A 53 -21.22 -47.11 19.82
CA ARG A 53 -21.60 -48.34 20.50
C ARG A 53 -20.71 -48.63 21.70
N GLU A 54 -19.42 -48.30 21.63
CA GLU A 54 -18.46 -48.74 22.63
C GLU A 54 -18.25 -47.72 23.74
N ASP A 55 -17.78 -46.52 23.39
CA ASP A 55 -17.37 -45.56 24.42
C ASP A 55 -18.15 -44.25 24.33
N THR A 56 -19.46 -44.34 24.16
CA THR A 56 -20.33 -43.17 24.15
C THR A 56 -21.33 -43.31 25.28
N CYS A 57 -21.35 -42.32 26.18
CA CYS A 57 -22.25 -42.31 27.33
C CYS A 57 -23.34 -41.26 27.21
N LYS A 58 -22.96 -40.01 26.94
CA LYS A 58 -23.91 -38.92 26.80
C LYS A 58 -23.71 -38.24 25.45
N PHE A 59 -24.81 -37.94 24.77
CA PHE A 59 -24.79 -37.31 23.46
C PHE A 59 -25.38 -35.91 23.57
N LEU A 60 -24.65 -34.92 23.09
CA LEU A 60 -25.10 -33.53 23.13
C LEU A 60 -26.19 -33.28 22.10
N ARG A 70 -34.48 -34.44 6.61
CA ARG A 70 -33.40 -35.23 6.02
C ARG A 70 -33.36 -36.64 6.60
N GLU A 71 -33.04 -37.62 5.74
CA GLU A 71 -32.97 -39.00 6.19
C GLU A 71 -31.87 -39.19 7.22
N GLY A 72 -30.71 -38.56 7.01
CA GLY A 72 -29.62 -38.69 7.96
C GLY A 72 -29.94 -38.09 9.32
N VAL A 73 -30.61 -36.93 9.32
CA VAL A 73 -31.00 -36.31 10.59
C VAL A 73 -31.99 -37.19 11.33
N LEU A 74 -32.96 -37.75 10.62
CA LEU A 74 -33.93 -38.65 11.25
C LEU A 74 -33.25 -39.89 11.81
N LYS A 75 -32.29 -40.46 11.06
CA LYS A 75 -31.57 -41.63 11.55
C LYS A 75 -30.76 -41.30 12.79
N GLU A 76 -30.10 -40.14 12.80
CA GLU A 76 -29.34 -39.73 13.98
C GLU A 76 -30.25 -39.53 15.17
N LEU A 77 -31.42 -38.92 14.96
CA LEU A 77 -32.37 -38.73 16.05
C LEU A 77 -32.86 -40.06 16.59
N ALA A 78 -33.14 -41.02 15.69
CA ALA A 78 -33.57 -42.34 16.13
C ALA A 78 -32.47 -43.04 16.93
N VAL A 79 -31.22 -42.92 16.48
CA VAL A 79 -30.10 -43.52 17.20
C VAL A 79 -29.97 -42.90 18.59
N ALA A 80 -30.09 -41.58 18.68
CA ALA A 80 -30.02 -40.90 19.96
C ALA A 80 -31.15 -41.35 20.89
N ALA A 81 -32.36 -41.48 20.35
CA ALA A 81 -33.49 -41.95 21.15
C ALA A 81 -33.26 -43.37 21.65
N LYS A 82 -32.72 -44.24 20.79
CA LYS A 82 -32.42 -45.61 21.21
C LYS A 82 -31.35 -45.62 22.30
N VAL A 83 -30.33 -44.77 22.17
CA VAL A 83 -29.28 -44.69 23.19
C VAL A 83 -29.88 -44.22 24.51
N LYS A 84 -30.74 -43.21 24.47
CA LYS A 84 -31.37 -42.72 25.68
C LYS A 84 -32.24 -43.80 26.33
N LYS A 85 -33.00 -44.53 25.51
CA LYS A 85 -33.84 -45.60 26.06
C LYS A 85 -32.99 -46.69 26.68
N GLN A 86 -31.88 -47.06 26.06
CA GLN A 86 -31.00 -48.07 26.62
C GLN A 86 -30.36 -47.59 27.92
N LEU A 87 -30.02 -46.30 27.99
CA LEU A 87 -29.41 -45.74 29.20
C LEU A 87 -30.37 -45.75 30.39
N LYS A 88 -31.67 -45.85 30.15
CA LYS A 88 -32.68 -45.87 31.21
C LYS A 88 -32.58 -44.62 32.10
N MET A 121 -29.92 -11.72 19.16
CA MET A 121 -29.20 -11.03 20.22
C MET A 121 -27.70 -11.01 19.92
N SER A 122 -26.95 -11.84 20.64
CA SER A 122 -25.50 -11.93 20.46
C SER A 122 -25.05 -13.33 20.84
N TRP A 123 -23.84 -13.69 20.38
CA TRP A 123 -23.29 -15.00 20.64
C TRP A 123 -22.67 -15.13 22.03
N ALA A 124 -22.47 -14.01 22.73
CA ALA A 124 -21.90 -14.08 24.08
C ALA A 124 -22.83 -14.81 25.03
N ARG A 125 -24.14 -14.55 24.94
CA ARG A 125 -25.10 -15.25 25.79
C ARG A 125 -25.11 -16.75 25.48
N GLY A 126 -25.04 -17.11 24.21
CA GLY A 126 -24.99 -18.52 23.85
C GLY A 126 -23.73 -19.19 24.35
N LEU A 127 -22.58 -18.52 24.25
CA LEU A 127 -21.34 -19.07 24.77
C LEU A 127 -21.41 -19.26 26.28
N LYS A 128 -21.95 -18.27 26.99
CA LYS A 128 -22.09 -18.38 28.45
C LYS A 128 -23.01 -19.53 28.81
N ASP A 129 -24.13 -19.69 28.09
CA ASP A 129 -25.04 -20.79 28.36
C ASP A 129 -24.38 -22.14 28.10
N ILE A 130 -23.60 -22.24 27.02
CA ILE A 130 -22.90 -23.48 26.71
C ILE A 130 -21.89 -23.81 27.81
N LEU A 131 -21.12 -22.81 28.24
CA LEU A 131 -20.15 -23.03 29.31
C LEU A 131 -20.83 -23.45 30.60
N GLU A 132 -21.94 -22.80 30.95
CA GLU A 132 -22.66 -23.15 32.17
C GLU A 132 -23.22 -24.57 32.10
N ALA A 133 -23.76 -24.96 30.94
CA ALA A 133 -24.29 -26.30 30.78
C ALA A 133 -23.17 -27.34 30.88
N PHE A 134 -22.01 -27.05 30.28
CA PHE A 134 -20.89 -27.99 30.37
C PHE A 134 -20.38 -28.11 31.80
N GLU A 135 -20.30 -26.99 32.52
CA GLU A 135 -19.83 -27.04 33.90
C GLU A 135 -20.81 -27.77 34.80
N LYS A 136 -22.11 -27.53 34.61
CA LYS A 136 -23.11 -28.16 35.48
C LYS A 136 -23.15 -29.67 35.28
N GLN A 137 -23.00 -30.13 34.04
CA GLN A 137 -23.03 -31.56 33.74
C GLN A 137 -21.77 -32.29 34.18
N LYS A 138 -20.76 -31.57 34.68
CA LYS A 138 -19.50 -32.16 35.14
C LYS A 138 -18.83 -32.96 34.02
N VAL A 139 -18.85 -32.41 32.81
CA VAL A 139 -18.15 -33.05 31.69
C VAL A 139 -16.65 -33.00 31.94
N PRO A 140 -15.95 -34.13 31.87
CA PRO A 140 -14.53 -34.13 32.21
C PRO A 140 -13.70 -33.32 31.21
N LYS A 141 -12.58 -32.79 31.71
CA LYS A 141 -11.64 -32.05 30.88
C LYS A 141 -10.24 -32.28 31.42
N GLU A 142 -9.26 -32.14 30.54
CA GLU A 142 -7.86 -32.29 30.89
C GLU A 142 -7.22 -30.91 31.01
N VAL A 143 -5.89 -30.88 31.17
CA VAL A 143 -5.17 -29.61 31.22
C VAL A 143 -5.36 -28.87 29.91
N ALA A 144 -5.66 -27.58 30.01
CA ALA A 144 -5.97 -26.75 28.85
C ALA A 144 -4.72 -26.09 28.30
N ASP A 145 -4.62 -26.03 26.97
CA ASP A 145 -3.49 -25.42 26.30
C ASP A 145 -3.93 -24.96 24.91
N ALA A 146 -3.34 -23.87 24.44
CA ALA A 146 -3.59 -23.37 23.10
C ALA A 146 -2.59 -23.86 22.07
N SER A 147 -1.53 -24.54 22.51
CA SER A 147 -0.53 -25.06 21.57
C SER A 147 -1.15 -26.09 20.63
N LYS A 148 -2.02 -26.95 21.16
CA LYS A 148 -2.69 -27.94 20.31
C LYS A 148 -3.57 -27.26 19.27
N SER A 149 -4.31 -26.22 19.68
CA SER A 149 -5.14 -25.49 18.73
C SER A 149 -4.29 -24.82 17.66
N ASN A 150 -3.17 -24.22 18.05
CA ASN A 150 -2.29 -23.58 17.08
C ASN A 150 -1.72 -24.61 16.10
N LEU A 151 -1.30 -25.77 16.61
CA LEU A 151 -0.75 -26.80 15.72
C LEU A 151 -1.80 -27.33 14.77
N LEU A 152 -3.02 -27.58 15.26
CA LEU A 152 -4.09 -28.05 14.39
C LEU A 152 -4.42 -27.01 13.33
N TYR A 153 -4.46 -25.74 13.71
CA TYR A 153 -4.70 -24.67 12.74
C TYR A 153 -3.60 -24.64 11.68
N GLN A 154 -2.34 -24.76 12.10
CA GLN A 154 -1.25 -24.72 11.14
C GLN A 154 -1.27 -25.90 10.19
N GLN A 155 -1.61 -27.09 10.70
CA GLN A 155 -1.52 -28.30 9.91
C GLN A 155 -2.80 -28.65 9.15
N ILE A 156 -3.90 -27.93 9.39
CA ILE A 156 -5.18 -28.21 8.72
C ILE A 156 -5.67 -27.01 7.92
N PHE A 157 -5.69 -25.83 8.54
CA PHE A 157 -6.29 -24.66 7.90
C PHE A 157 -5.54 -24.26 6.64
N LEU A 158 -4.22 -24.30 6.68
CA LEU A 158 -3.38 -23.88 5.56
C LEU A 158 -2.58 -25.05 5.00
N HIS A 159 -3.24 -26.20 4.83
CA HIS A 159 -2.56 -27.38 4.31
C HIS A 159 -2.07 -27.15 2.88
N ASP A 160 -2.99 -26.96 1.95
CA ASP A 160 -2.63 -26.71 0.55
C ASP A 160 -2.52 -25.22 0.26
N LYS A 161 -1.76 -24.50 1.09
CA LYS A 161 -1.50 -23.09 0.90
C LYS A 161 -0.07 -22.74 1.29
N SER A 162 0.84 -23.69 1.12
CA SER A 162 2.20 -23.59 1.64
C SER A 162 3.16 -23.11 0.55
N VAL A 163 4.45 -23.14 0.87
CA VAL A 163 5.51 -22.67 -0.01
C VAL A 163 6.11 -23.87 -0.74
N ILE A 164 6.21 -23.77 -2.07
CA ILE A 164 6.81 -24.81 -2.90
C ILE A 164 8.16 -24.32 -3.38
N GLU A 165 9.20 -25.13 -3.13
CA GLU A 165 10.56 -24.78 -3.53
C GLU A 165 10.76 -25.16 -4.99
N LYS A 166 10.24 -24.31 -5.87
CA LYS A 166 10.36 -24.50 -7.31
C LYS A 166 10.86 -23.22 -7.95
N GLU A 167 11.84 -23.34 -8.83
CA GLU A 167 12.39 -22.17 -9.52
C GLU A 167 11.47 -21.73 -10.65
N GLU A 168 11.37 -20.42 -10.84
CA GLU A 168 10.51 -19.84 -11.86
C GLU A 168 11.27 -18.76 -12.64
N ILE A 169 10.79 -18.49 -13.84
CA ILE A 169 11.37 -17.50 -14.74
C ILE A 169 10.32 -16.44 -15.01
N TYR A 170 10.70 -15.17 -14.84
CA TYR A 170 9.81 -14.04 -15.07
C TYR A 170 10.39 -13.16 -16.17
N ASP A 171 9.51 -12.56 -16.97
CA ASP A 171 9.91 -11.55 -17.95
C ASP A 171 10.11 -10.21 -17.24
N SER A 172 10.23 -9.15 -18.02
CA SER A 172 10.37 -7.80 -17.47
C SER A 172 10.02 -6.80 -18.56
N ASN A 173 9.90 -5.54 -18.15
CA ASN A 173 9.68 -4.44 -19.07
C ASN A 173 10.99 -3.79 -19.51
N TRP A 174 12.12 -4.31 -19.07
CA TRP A 174 13.43 -3.78 -19.44
C TRP A 174 13.93 -4.50 -20.69
N LEU A 175 14.12 -3.74 -21.77
CA LEU A 175 14.66 -4.28 -23.01
C LEU A 175 16.19 -4.21 -22.96
N SER A 176 16.84 -5.36 -23.17
CA SER A 176 18.29 -5.41 -23.08
C SER A 176 18.93 -4.65 -24.22
N ILE A 177 20.04 -3.97 -23.92
CA ILE A 177 20.81 -3.24 -24.92
C ILE A 177 22.04 -4.06 -25.28
N LEU A 178 22.24 -4.29 -26.58
CA LEU A 178 23.30 -5.17 -27.05
C LEU A 178 24.62 -4.44 -27.26
N SER A 179 24.64 -3.47 -28.17
CA SER A 179 25.89 -2.83 -28.55
C SER A 179 25.66 -1.36 -28.83
N PHE A 180 26.75 -0.62 -28.86
CA PHE A 180 26.75 0.81 -29.11
C PHE A 180 27.77 1.16 -30.18
N PRO A 181 27.55 2.25 -30.91
CA PRO A 181 28.52 2.67 -31.92
C PRO A 181 29.87 2.97 -31.30
N GLU A 182 30.89 2.99 -32.17
CA GLU A 182 32.27 3.04 -31.72
C GLU A 182 32.61 4.36 -31.03
N GLU A 183 31.83 5.42 -31.24
CA GLU A 183 32.22 6.71 -30.70
C GLU A 183 31.00 7.58 -30.45
N LEU A 184 31.20 8.60 -29.60
CA LEU A 184 30.22 9.64 -29.32
C LEU A 184 30.71 10.91 -30.01
N ARG A 185 29.89 11.45 -30.90
CA ARG A 185 30.32 12.48 -31.84
C ARG A 185 29.87 13.86 -31.38
N PHE A 186 30.82 14.80 -31.28
CA PHE A 186 30.56 16.19 -30.97
C PHE A 186 31.07 17.05 -32.12
N HIS A 187 30.18 17.80 -32.76
CA HIS A 187 30.50 18.56 -33.96
C HIS A 187 30.63 20.04 -33.63
N GLU A 188 31.77 20.63 -34.00
CA GLU A 188 32.04 22.05 -33.74
C GLU A 188 31.38 22.86 -34.86
N TYR A 189 30.12 23.19 -34.66
CA TYR A 189 29.35 23.97 -35.63
C TYR A 189 29.41 25.46 -35.30
N ASN A 190 30.62 26.00 -35.29
CA ASN A 190 30.80 27.40 -34.94
C ASN A 190 30.31 28.33 -36.06
N TRP A 191 29.41 29.25 -35.70
CA TRP A 191 28.84 30.25 -36.59
C TRP A 191 28.51 29.70 -37.98
N MET A 192 28.02 28.47 -38.04
CA MET A 192 27.62 27.84 -39.29
C MET A 192 26.20 27.31 -39.24
N LEU A 193 25.43 27.68 -38.22
CA LEU A 193 24.02 27.33 -38.13
C LEU A 193 23.26 28.53 -37.56
N PRO A 194 21.98 28.66 -37.90
CA PRO A 194 21.18 29.74 -37.30
C PRO A 194 21.05 29.58 -35.79
N LYS A 195 20.94 30.71 -35.09
CA LYS A 195 20.88 30.68 -33.64
C LYS A 195 19.52 30.24 -33.12
N ARG A 196 18.47 30.41 -33.92
CA ARG A 196 17.13 29.95 -33.59
C ARG A 196 16.76 28.75 -34.47
N PHE A 197 17.78 27.98 -34.86
CA PHE A 197 17.59 26.94 -35.86
C PHE A 197 16.77 25.76 -35.33
N ASP A 198 16.60 25.66 -34.01
CA ASP A 198 15.70 24.70 -33.39
C ASP A 198 16.12 23.26 -33.72
N VAL A 199 17.24 22.87 -33.13
CA VAL A 199 17.95 21.62 -33.40
C VAL A 199 17.03 20.40 -33.36
N ARG A 200 15.91 20.49 -32.66
CA ARG A 200 15.02 19.34 -32.58
C ARG A 200 14.14 19.18 -33.82
N GLU A 201 14.30 20.04 -34.82
CA GLU A 201 13.60 19.89 -36.09
C GLU A 201 14.36 19.03 -37.10
N LEU A 202 15.56 18.59 -36.77
CA LEU A 202 16.37 17.80 -37.69
C LEU A 202 15.82 16.38 -37.83
N THR A 203 16.13 15.75 -38.96
CA THR A 203 15.77 14.36 -39.17
C THR A 203 16.67 13.40 -38.43
N PHE A 204 17.87 13.83 -38.05
CA PHE A 204 18.81 13.02 -37.28
C PHE A 204 18.88 13.53 -35.85
N PRO A 205 18.89 12.64 -34.86
CA PRO A 205 18.90 13.09 -33.46
C PRO A 205 20.17 13.83 -33.11
N ALA A 206 20.02 15.05 -32.60
CA ALA A 206 21.14 15.84 -32.13
C ALA A 206 20.62 16.89 -31.17
N VAL A 207 21.42 17.20 -30.15
CA VAL A 207 21.07 18.20 -29.15
C VAL A 207 22.26 19.09 -28.92
N ARG A 208 22.00 20.38 -28.70
CA ARG A 208 23.08 21.34 -28.52
C ARG A 208 23.81 21.11 -27.21
N TYR A 209 25.06 21.56 -27.17
CA TYR A 209 25.84 21.51 -25.94
C TYR A 209 26.97 22.51 -26.09
N LYS A 210 26.93 23.59 -25.31
CA LYS A 210 27.87 24.70 -25.41
C LYS A 210 27.81 25.23 -26.85
N ASN A 211 28.87 25.11 -27.64
CA ASN A 211 28.86 25.47 -29.05
C ASN A 211 28.94 24.26 -29.96
N TYR A 212 28.81 23.06 -29.41
CA TYR A 212 28.94 21.81 -30.14
C TYR A 212 27.57 21.27 -30.53
N LEU A 213 27.58 20.16 -31.27
CA LEU A 213 26.38 19.40 -31.54
C LEU A 213 26.70 17.92 -31.36
N CYS A 214 25.89 17.24 -30.54
CA CYS A 214 26.11 15.85 -30.19
C CYS A 214 25.14 14.95 -30.95
N THR A 215 25.68 13.96 -31.65
CA THR A 215 24.86 13.01 -32.39
C THR A 215 25.67 11.75 -32.64
N PHE A 216 24.99 10.72 -33.14
CA PHE A 216 25.64 9.49 -33.61
C PHE A 216 25.72 9.41 -35.13
N ALA A 217 25.46 10.49 -35.84
CA ALA A 217 25.57 10.51 -37.29
C ALA A 217 26.93 11.06 -37.71
N TRP A 218 27.21 10.93 -39.00
CA TRP A 218 28.45 11.45 -39.57
C TRP A 218 28.49 12.97 -39.44
N ALA A 219 29.66 13.54 -39.74
CA ALA A 219 29.81 14.99 -39.66
C ALA A 219 29.19 15.72 -40.84
N TYR A 220 28.78 15.02 -41.89
CA TYR A 220 28.26 15.63 -43.10
C TYR A 220 26.85 15.13 -43.43
N ASP A 221 26.05 14.89 -42.39
CA ASP A 221 24.65 14.57 -42.58
C ASP A 221 23.79 15.82 -42.46
N PHE A 222 22.48 15.65 -42.67
CA PHE A 222 21.46 16.70 -42.66
C PHE A 222 21.96 18.02 -43.21
N THR A 223 22.62 17.99 -44.37
CA THR A 223 23.09 19.22 -45.01
C THR A 223 21.97 20.00 -45.68
N TYR A 224 20.81 19.36 -45.90
CA TYR A 224 19.68 20.06 -46.51
C TYR A 224 19.18 21.17 -45.60
N HIS A 225 18.89 20.83 -44.34
CA HIS A 225 18.36 21.83 -43.42
C HIS A 225 19.42 22.84 -42.97
N LEU A 226 20.70 22.48 -43.06
CA LEU A 226 21.81 23.35 -42.65
C LEU A 226 22.72 23.47 -43.85
N PRO A 227 22.41 24.37 -44.79
CA PRO A 227 23.11 24.36 -46.09
C PRO A 227 24.61 24.56 -46.00
N LYS A 228 25.08 25.40 -45.08
CA LYS A 228 26.52 25.70 -45.00
C LYS A 228 27.15 24.59 -44.15
N THR A 229 27.50 23.49 -44.81
CA THR A 229 28.06 22.33 -44.13
C THR A 229 29.31 21.85 -44.86
N GLU A 230 29.39 22.12 -46.15
CA GLU A 230 30.47 21.57 -46.97
C GLU A 230 31.83 22.04 -46.49
N THR A 231 31.95 23.33 -46.16
CA THR A 231 33.23 23.88 -45.71
C THR A 231 33.40 23.60 -44.22
N TYR A 232 33.56 22.32 -43.90
CA TYR A 232 33.71 21.86 -42.53
C TYR A 232 35.00 21.06 -42.40
N HIS A 233 35.89 21.50 -41.54
CA HIS A 233 37.14 20.78 -41.29
C HIS A 233 36.87 19.64 -40.30
N LYS A 234 37.34 18.45 -40.65
CA LYS A 234 37.01 17.25 -39.88
C LYS A 234 37.86 17.07 -38.64
N SER A 235 38.97 17.80 -38.51
CA SER A 235 39.86 17.60 -37.37
C SER A 235 39.33 18.22 -36.08
N LYS A 236 38.23 18.97 -36.15
CA LYS A 236 37.68 19.67 -34.99
C LYS A 236 36.41 19.01 -34.46
N THR A 237 36.21 17.73 -34.74
CA THR A 237 35.06 16.98 -34.23
C THR A 237 35.53 16.05 -33.11
N ILE A 238 34.82 16.07 -31.99
CA ILE A 238 35.19 15.29 -30.82
C ILE A 238 34.49 13.93 -30.88
N ARG A 239 35.29 12.86 -30.92
CA ARG A 239 34.78 11.50 -30.91
C ARG A 239 35.23 10.81 -29.63
N ILE A 240 34.28 10.23 -28.91
CA ILE A 240 34.56 9.56 -27.64
C ILE A 240 33.90 8.19 -27.65
N PRO A 241 34.64 7.11 -27.37
CA PRO A 241 34.03 5.77 -27.43
C PRO A 241 32.96 5.58 -26.37
N THR A 242 31.97 4.75 -26.71
CA THR A 242 30.83 4.55 -25.82
C THR A 242 31.20 3.69 -24.61
N GLU A 243 32.15 2.78 -24.76
CA GLU A 243 32.42 1.79 -23.72
C GLU A 243 32.83 2.45 -22.41
N GLU A 244 33.82 3.34 -22.46
CA GLU A 244 34.34 3.92 -21.23
C GLU A 244 33.35 4.92 -20.62
N ILE A 245 32.67 5.69 -21.46
CA ILE A 245 31.74 6.69 -20.95
C ILE A 245 30.51 6.03 -20.33
N LEU A 246 30.10 4.88 -20.85
CA LEU A 246 28.92 4.20 -20.32
C LEU A 246 29.24 3.30 -19.14
N SER A 247 30.37 2.61 -19.19
CA SER A 247 30.76 1.77 -18.05
C SER A 247 31.24 2.59 -16.86
N GLY A 248 31.62 3.85 -17.08
CA GLY A 248 32.06 4.69 -15.99
C GLY A 248 33.57 4.85 -15.93
N SER A 249 34.20 5.05 -17.08
CA SER A 249 35.65 5.24 -17.16
C SER A 249 35.99 6.45 -18.02
N TYR A 250 35.31 7.57 -17.78
CA TYR A 250 35.56 8.79 -18.55
C TYR A 250 35.40 9.99 -17.64
N ASP A 251 36.52 10.56 -17.20
CA ASP A 251 36.53 11.76 -16.37
C ASP A 251 37.22 12.86 -17.16
N SER A 252 36.45 13.82 -17.66
CA SER A 252 37.00 14.89 -18.48
C SER A 252 36.23 16.17 -18.22
N ASN A 253 36.87 17.30 -18.54
CA ASN A 253 36.26 18.59 -18.28
C ASN A 253 35.14 18.90 -19.26
N PHE A 254 35.17 18.30 -20.45
CA PHE A 254 34.20 18.65 -21.49
C PHE A 254 32.78 18.26 -21.08
N ILE A 255 32.61 17.09 -20.46
CA ILE A 255 31.29 16.61 -20.11
C ILE A 255 31.40 15.74 -18.87
N ARG A 256 30.45 15.90 -17.95
CA ARG A 256 30.40 15.12 -16.74
C ARG A 256 29.67 13.80 -16.98
N ASN A 257 30.05 12.78 -16.20
CA ASN A 257 29.53 11.44 -16.45
C ASN A 257 28.02 11.37 -16.26
N ALA A 258 27.50 11.98 -15.20
CA ALA A 258 26.05 12.07 -15.05
C ALA A 258 25.46 12.92 -16.17
N GLU A 259 26.12 14.02 -16.52
CA GLU A 259 25.68 14.85 -17.63
C GLU A 259 25.74 14.07 -18.94
N CYS A 260 26.80 13.28 -19.15
CA CYS A 260 26.90 12.49 -20.36
C CYS A 260 25.81 11.44 -20.44
N LYS A 261 25.47 10.82 -19.30
CA LYS A 261 24.37 9.86 -19.29
C LYS A 261 23.05 10.55 -19.61
N ARG A 262 22.83 11.75 -19.06
CA ARG A 262 21.61 12.49 -19.37
C ARG A 262 21.55 12.84 -20.85
N LEU A 263 22.67 13.27 -21.43
CA LEU A 263 22.73 13.56 -22.86
C LEU A 263 22.41 12.32 -23.68
N ILE A 264 22.99 11.17 -23.31
CA ILE A 264 22.79 9.96 -24.11
C ILE A 264 21.35 9.48 -24.00
N VAL A 265 20.75 9.59 -22.81
CA VAL A 265 19.36 9.17 -22.70
C VAL A 265 18.44 10.14 -23.43
N GLN A 266 18.82 11.42 -23.49
CA GLN A 266 18.07 12.37 -24.30
C GLN A 266 18.14 12.00 -25.78
N LEU A 267 19.33 11.68 -26.28
CA LEU A 267 19.47 11.22 -27.67
C LEU A 267 18.67 9.96 -27.93
N LEU A 268 18.71 9.01 -26.97
CA LEU A 268 17.96 7.77 -27.13
C LEU A 268 16.46 8.03 -27.17
N ASN A 269 15.94 8.89 -26.29
CA ASN A 269 14.52 9.19 -26.31
C ASN A 269 14.12 9.93 -27.58
N LYS A 270 14.95 10.88 -28.04
CA LYS A 270 14.64 11.61 -29.25
C LYS A 270 14.64 10.70 -30.47
N ALA A 271 15.62 9.79 -30.54
CA ALA A 271 15.67 8.86 -31.67
C ALA A 271 14.55 7.85 -31.59
N PHE A 272 14.15 7.46 -30.38
CA PHE A 272 12.99 6.59 -30.24
C PHE A 272 11.73 7.29 -30.74
N GLU A 273 11.59 8.59 -30.43
CA GLU A 273 10.48 9.37 -30.96
C GLU A 273 10.53 9.45 -32.48
N LEU A 274 11.71 9.69 -33.05
CA LEU A 274 11.84 9.78 -34.50
C LEU A 274 11.53 8.45 -35.16
N ARG A 275 11.97 7.34 -34.57
CA ARG A 275 11.66 6.03 -35.11
C ARG A 275 10.16 5.74 -35.04
N MET A 276 9.51 6.12 -33.94
CA MET A 276 8.08 5.89 -33.83
C MET A 276 7.32 6.73 -34.86
N LYS A 277 7.78 7.95 -35.10
CA LYS A 277 7.22 8.76 -36.18
C LYS A 277 7.46 8.10 -37.54
N ASP A 278 8.62 7.44 -37.70
CA ASP A 278 8.97 6.83 -38.97
C ASP A 278 8.05 5.67 -39.32
N LYS A 279 7.58 4.91 -38.32
CA LYS A 279 6.78 3.73 -38.56
C LYS A 279 5.29 4.04 -38.69
N GLU A 280 4.94 5.28 -39.05
CA GLU A 280 3.55 5.69 -39.24
C GLU A 280 2.73 5.44 -37.97
N VAL A 281 3.27 5.88 -36.84
CA VAL A 281 2.66 5.69 -35.53
C VAL A 281 2.40 7.07 -34.94
N GLN A 282 1.14 7.31 -34.56
CA GLN A 282 0.76 8.59 -33.98
C GLN A 282 1.34 8.74 -32.58
N GLU A 283 1.15 9.93 -32.00
CA GLU A 283 1.76 10.26 -30.72
C GLU A 283 0.75 10.96 -29.83
N TYR A 284 0.96 10.85 -28.52
CA TYR A 284 0.19 11.58 -27.52
C TYR A 284 1.16 12.34 -26.64
N GLU A 285 0.88 13.62 -26.42
CA GLU A 285 1.69 14.44 -25.52
C GLU A 285 1.13 14.30 -24.12
N MET A 286 1.80 13.50 -23.29
CA MET A 286 1.29 13.19 -21.97
C MET A 286 1.58 14.34 -21.00
N SER A 287 1.37 14.09 -19.72
CA SER A 287 1.53 15.14 -18.71
C SER A 287 2.97 15.63 -18.64
N ASN A 288 3.94 14.71 -18.67
CA ASN A 288 5.34 15.09 -18.67
C ASN A 288 6.18 14.34 -19.70
N LYS A 289 5.63 13.34 -20.39
CA LYS A 289 6.39 12.57 -21.36
C LYS A 289 5.62 12.42 -22.66
N THR A 290 6.12 11.59 -23.58
CA THR A 290 5.47 11.33 -24.85
C THR A 290 5.21 9.83 -25.00
N ALA A 291 4.01 9.49 -25.47
CA ALA A 291 3.65 8.11 -25.72
C ALA A 291 3.35 7.90 -27.19
N TYR A 292 3.61 6.69 -27.68
CA TYR A 292 3.56 6.38 -29.10
C TYR A 292 2.61 5.21 -29.30
N TRP A 293 1.45 5.48 -29.89
CA TRP A 293 0.35 4.53 -29.97
C TRP A 293 0.07 4.18 -31.42
N LEU A 294 -0.08 2.89 -31.70
CA LEU A 294 -0.39 2.43 -33.04
C LEU A 294 -1.78 2.87 -33.45
N GLU A 295 -1.95 3.09 -34.75
CA GLU A 295 -3.22 3.55 -35.30
C GLU A 295 -4.18 2.37 -35.45
N LYS A 296 -5.30 2.60 -36.13
CA LYS A 296 -6.32 1.59 -36.34
C LYS A 296 -6.26 1.12 -37.79
N GLY A 297 -6.17 -0.19 -37.98
CA GLY A 297 -6.00 -0.77 -39.30
C GLY A 297 -4.56 -0.87 -39.75
N LYS A 298 -3.61 -0.38 -38.94
CA LYS A 298 -2.20 -0.49 -39.30
C LYS A 298 -1.73 -1.93 -39.36
N LEU A 299 -2.15 -2.75 -38.39
CA LEU A 299 -1.72 -4.13 -38.31
C LEU A 299 -2.60 -5.03 -39.18
N GLU A 300 -2.34 -6.33 -39.13
CA GLU A 300 -3.10 -7.31 -39.89
C GLU A 300 -4.27 -7.79 -39.03
N LYS A 301 -5.49 -7.42 -39.42
CA LYS A 301 -6.71 -7.76 -38.69
C LYS A 301 -6.60 -7.32 -37.23
N ASP A 302 -6.00 -6.15 -37.02
CA ASP A 302 -5.80 -5.57 -35.68
C ASP A 302 -5.05 -6.54 -34.78
N LYS A 303 -4.15 -7.33 -35.37
CA LYS A 303 -3.43 -8.36 -34.63
C LYS A 303 -1.99 -8.43 -35.11
N PHE A 304 -1.06 -8.60 -34.16
CA PHE A 304 0.35 -8.85 -34.47
C PHE A 304 0.83 -9.99 -33.60
N GLU A 305 1.31 -11.05 -34.24
CA GLU A 305 1.79 -12.27 -33.55
C GLU A 305 0.73 -12.81 -32.60
N LYS A 306 -0.49 -12.94 -33.12
CA LYS A 306 -1.62 -13.47 -32.36
C LYS A 306 -1.87 -12.67 -31.08
N THR A 307 -1.68 -11.35 -31.17
CA THR A 307 -1.92 -10.45 -30.06
C THR A 307 -2.70 -9.23 -30.55
N MET A 308 -3.70 -8.84 -29.77
CA MET A 308 -4.54 -7.69 -30.09
C MET A 308 -4.02 -6.48 -29.34
N LEU A 309 -3.64 -5.43 -30.08
CA LEU A 309 -3.11 -4.21 -29.48
C LEU A 309 -4.05 -3.01 -29.60
N VAL A 310 -4.92 -2.99 -30.60
CA VAL A 310 -5.91 -1.93 -30.77
C VAL A 310 -7.28 -2.56 -30.97
N GLY A 311 -8.30 -1.97 -30.35
CA GLY A 311 -9.62 -2.55 -30.40
C GLY A 311 -10.77 -1.57 -30.20
N LYS A 312 -11.97 -2.11 -30.00
CA LYS A 312 -13.18 -1.32 -29.87
C LYS A 312 -13.87 -1.62 -28.56
N GLN A 313 -14.36 -0.58 -27.89
CA GLN A 313 -15.08 -0.71 -26.62
C GLN A 313 -16.38 0.07 -26.72
N LYS A 314 -17.51 -0.64 -26.69
CA LYS A 314 -18.84 -0.05 -26.83
C LYS A 314 -18.88 0.71 -28.15
N ASP A 315 -19.10 2.03 -28.15
CA ASP A 315 -19.03 2.84 -29.36
C ASP A 315 -17.74 3.65 -29.43
N LYS A 316 -16.71 3.24 -28.71
CA LYS A 316 -15.50 4.01 -28.56
C LYS A 316 -14.29 3.11 -28.80
N ASN A 317 -13.21 3.70 -29.29
CA ASN A 317 -12.01 2.95 -29.67
C ASN A 317 -10.90 3.19 -28.65
N TRP A 318 -10.25 2.12 -28.23
CA TRP A 318 -9.13 2.17 -27.31
C TRP A 318 -7.86 1.74 -28.04
N HIS A 319 -6.71 2.20 -27.54
CA HIS A 319 -5.43 1.96 -28.19
C HIS A 319 -4.34 1.81 -27.15
N PHE A 320 -3.76 0.61 -27.07
CA PHE A 320 -2.57 0.40 -26.25
C PHE A 320 -1.42 1.25 -26.76
N ALA A 321 -0.60 1.74 -25.84
CA ALA A 321 0.50 2.62 -26.17
C ALA A 321 1.70 2.27 -25.31
N ILE A 322 2.85 2.79 -25.70
CA ILE A 322 4.09 2.61 -24.96
C ILE A 322 4.80 3.94 -24.84
N SER A 323 5.70 4.03 -23.86
CA SER A 323 6.50 5.23 -23.63
C SER A 323 7.94 4.81 -23.44
N GLY A 324 8.84 5.43 -24.19
CA GLY A 324 10.25 5.08 -24.16
C GLY A 324 11.02 5.95 -23.19
N ALA A 325 11.76 5.30 -22.31
CA ALA A 325 12.60 6.00 -21.35
C ALA A 325 13.82 5.13 -21.08
N SER A 326 14.94 5.47 -21.70
CA SER A 326 16.18 4.73 -21.54
C SER A 326 16.92 5.22 -20.31
N LYS A 327 17.46 4.28 -19.54
CA LYS A 327 18.30 4.62 -18.40
C LYS A 327 19.49 3.68 -18.37
N LEU A 328 20.59 4.17 -17.80
CA LEU A 328 21.84 3.42 -17.76
C LEU A 328 22.09 2.76 -16.40
N TYR A 329 21.07 2.70 -15.54
CA TYR A 329 21.18 2.05 -14.25
C TYR A 329 20.10 0.98 -14.11
N PRO A 330 20.45 -0.23 -13.68
CA PRO A 330 21.78 -0.74 -13.32
C PRO A 330 22.61 -1.00 -14.56
N PHE A 331 21.96 -1.50 -15.61
CA PHE A 331 22.58 -1.83 -16.87
C PHE A 331 21.75 -1.25 -18.01
N PRO A 332 22.38 -0.94 -19.15
CA PRO A 332 21.65 -0.28 -20.25
C PRO A 332 20.37 -0.99 -20.67
N VAL A 333 19.24 -0.34 -20.43
CA VAL A 333 17.93 -0.85 -20.80
C VAL A 333 17.16 0.25 -21.50
N LEU A 334 16.05 -0.14 -22.13
CA LEU A 334 15.17 0.80 -22.81
C LEU A 334 13.77 0.52 -22.25
N MET A 335 13.46 1.16 -21.13
CA MET A 335 12.22 0.87 -20.42
C MET A 335 11.01 1.20 -21.27
N ILE A 336 9.99 0.35 -21.19
CA ILE A 336 8.76 0.49 -21.95
C ILE A 336 7.61 0.44 -20.95
N SER A 337 7.20 1.60 -20.46
CA SER A 337 6.01 1.69 -19.63
C SER A 337 4.76 1.55 -20.48
N SER A 338 3.70 1.01 -19.89
CA SER A 338 2.48 0.74 -20.63
C SER A 338 1.37 1.72 -20.24
N HIS A 339 0.56 2.08 -21.23
CA HIS A 339 -0.55 3.00 -21.04
C HIS A 339 -1.68 2.58 -21.96
N ILE A 340 -2.87 3.09 -21.66
CA ILE A 340 -4.04 2.92 -22.52
C ILE A 340 -4.68 4.28 -22.75
N PHE A 341 -4.78 4.68 -24.02
CA PHE A 341 -5.48 5.89 -24.41
C PHE A 341 -6.72 5.53 -25.21
N PHE A 342 -7.68 6.45 -25.22
CA PHE A 342 -8.93 6.25 -25.92
C PHE A 342 -9.15 7.38 -26.91
N THR A 343 -9.70 7.06 -28.08
CA THR A 343 -9.99 8.05 -29.11
C THR A 343 -11.40 7.80 -29.63
N ALA A 344 -11.86 8.69 -30.51
CA ALA A 344 -13.21 8.61 -31.04
C ALA A 344 -13.26 7.82 -32.35
N ASP A 345 -12.53 8.29 -33.36
CA ASP A 345 -12.49 7.63 -34.66
C ASP A 345 -11.27 6.74 -34.84
N GLY A 346 -10.41 6.66 -33.83
CA GLY A 346 -9.21 5.85 -33.89
C GLY A 346 -7.97 6.58 -34.38
N LYS A 347 -8.12 7.80 -34.91
CA LYS A 347 -6.99 8.58 -35.39
C LYS A 347 -6.82 9.90 -34.67
N LYS A 348 -7.92 10.52 -34.23
CA LYS A 348 -7.87 11.80 -33.55
C LYS A 348 -8.06 11.61 -32.05
N LEU A 349 -7.15 12.18 -31.27
CA LEU A 349 -7.22 12.08 -29.82
C LEU A 349 -8.42 12.85 -29.30
N ILE A 350 -8.95 12.39 -28.17
CA ILE A 350 -10.08 13.05 -27.51
C ILE A 350 -9.54 14.06 -26.52
N ASP A 351 -10.11 15.28 -26.56
CA ASP A 351 -9.60 16.38 -25.75
C ASP A 351 -10.42 16.52 -24.48
N SER A 352 -10.30 15.50 -23.63
CA SER A 352 -10.95 15.52 -22.32
C SER A 352 -10.18 14.56 -21.41
N SER A 353 -9.35 15.12 -20.53
CA SER A 353 -8.50 14.30 -19.68
C SER A 353 -9.33 13.44 -18.73
N SER A 354 -10.46 13.95 -18.25
CA SER A 354 -11.33 13.16 -17.38
C SER A 354 -11.82 11.90 -18.08
N VAL A 355 -12.20 12.04 -19.35
CA VAL A 355 -12.63 10.87 -20.12
C VAL A 355 -11.49 9.89 -20.27
N GLN A 356 -10.27 10.40 -20.53
CA GLN A 356 -9.11 9.52 -20.65
C GLN A 356 -8.90 8.70 -19.38
N HIS A 357 -8.89 9.38 -18.21
CA HIS A 357 -8.65 8.67 -16.96
C HIS A 357 -9.77 7.68 -16.65
N SER A 358 -11.03 8.09 -16.86
CA SER A 358 -12.15 7.20 -16.59
C SER A 358 -12.08 5.95 -17.45
N SER A 359 -11.82 6.12 -18.75
CA SER A 359 -11.74 4.98 -19.65
C SER A 359 -10.55 4.08 -19.29
N ARG A 360 -9.41 4.68 -18.95
CA ARG A 360 -8.24 3.88 -18.57
C ARG A 360 -8.53 3.05 -17.33
N ARG A 361 -9.14 3.65 -16.32
CA ARG A 361 -9.44 2.90 -15.10
C ARG A 361 -10.52 1.85 -15.33
N ARG A 362 -11.48 2.12 -16.20
CA ARG A 362 -12.48 1.12 -16.52
C ARG A 362 -11.85 -0.07 -17.24
N GLN A 363 -10.91 0.19 -18.14
CA GLN A 363 -10.28 -0.90 -18.90
C GLN A 363 -9.27 -1.68 -18.06
N GLY A 364 -8.60 -1.02 -17.12
CA GLY A 364 -7.57 -1.68 -16.33
C GLY A 364 -8.06 -2.64 -15.26
N LYS A 365 -9.37 -2.69 -15.03
CA LYS A 365 -9.91 -3.63 -14.05
C LYS A 365 -9.75 -5.07 -14.52
N ASN A 366 -10.00 -5.33 -15.80
CA ASN A 366 -10.06 -6.68 -16.33
C ASN A 366 -8.73 -7.19 -16.87
N TRP A 367 -7.66 -6.41 -16.77
CA TRP A 367 -6.38 -6.80 -17.32
C TRP A 367 -5.61 -7.64 -16.30
N TRP A 368 -4.96 -8.70 -16.78
CA TRP A 368 -4.20 -9.62 -15.94
C TRP A 368 -2.76 -9.68 -16.43
N ASN A 369 -1.94 -10.44 -15.69
CA ASN A 369 -0.51 -10.50 -15.97
C ASN A 369 -0.25 -11.02 -17.38
N ASN A 370 -1.00 -12.03 -17.81
CA ASN A 370 -0.82 -12.58 -19.15
C ASN A 370 -1.07 -11.54 -20.23
N THR A 371 -2.14 -10.75 -20.07
CA THR A 371 -2.46 -9.73 -21.07
C THR A 371 -1.37 -8.66 -21.12
N TRP A 372 -0.90 -8.20 -19.97
CA TRP A 372 0.15 -7.19 -19.95
C TRP A 372 1.41 -7.70 -20.63
N ARG A 373 1.81 -8.94 -20.30
CA ARG A 373 2.99 -9.53 -20.93
C ARG A 373 2.83 -9.64 -22.43
N THR A 374 1.69 -10.18 -22.88
CA THR A 374 1.48 -10.40 -24.30
C THR A 374 1.48 -9.08 -25.06
N LYS A 375 0.81 -8.06 -24.55
CA LYS A 375 0.74 -6.79 -25.25
C LYS A 375 2.10 -6.11 -25.30
N LEU A 376 2.84 -6.10 -24.18
CA LEU A 376 4.17 -5.51 -24.19
C LEU A 376 5.08 -6.21 -25.19
N LEU A 377 5.12 -7.54 -25.13
CA LEU A 377 6.04 -8.27 -26.01
C LEU A 377 5.65 -8.12 -27.47
N ALA A 378 4.34 -8.13 -27.77
CA ALA A 378 3.91 -7.95 -29.15
C ALA A 378 4.26 -6.57 -29.67
N PHE A 379 4.04 -5.53 -28.85
CA PHE A 379 4.38 -4.18 -29.30
C PHE A 379 5.88 -4.04 -29.52
N ILE A 380 6.69 -4.66 -28.66
CA ILE A 380 8.13 -4.58 -28.84
C ILE A 380 8.56 -5.33 -30.10
N LYS A 381 7.96 -6.49 -30.36
CA LYS A 381 8.33 -7.28 -31.54
C LYS A 381 7.88 -6.61 -32.83
N TYR A 382 6.79 -5.84 -32.78
CA TYR A 382 6.32 -5.16 -33.98
C TYR A 382 7.30 -4.12 -34.49
N LEU A 383 8.16 -3.60 -33.63
CA LEU A 383 9.16 -2.62 -34.02
C LEU A 383 10.52 -3.25 -34.29
N SER A 384 10.63 -4.58 -34.24
CA SER A 384 11.88 -5.25 -34.53
C SER A 384 12.18 -5.18 -36.03
N ASP A 385 13.46 -5.28 -36.37
CA ASP A 385 13.88 -5.10 -37.77
C ASP A 385 13.96 -6.42 -38.52
N ASP A 386 14.90 -7.29 -38.14
CA ASP A 386 15.08 -8.52 -38.89
C ASP A 386 14.85 -9.78 -38.07
N ASP A 387 15.67 -10.04 -37.04
CA ASP A 387 15.48 -11.31 -36.35
C ASP A 387 15.49 -11.19 -34.83
N THR A 388 16.39 -10.39 -34.26
CA THR A 388 16.62 -10.42 -32.82
C THR A 388 16.82 -9.05 -32.19
N SER A 389 16.75 -7.97 -32.95
CA SER A 389 16.97 -6.63 -32.41
C SER A 389 16.56 -5.62 -33.46
N PHE A 390 16.17 -4.44 -32.99
CA PHE A 390 15.85 -3.33 -33.86
C PHE A 390 16.76 -2.16 -33.54
N TYR A 391 17.30 -1.52 -34.57
CA TYR A 391 18.22 -0.42 -34.41
C TYR A 391 17.46 0.90 -34.31
N LEU A 392 18.10 1.88 -33.70
CA LEU A 392 17.61 3.25 -33.69
C LEU A 392 18.39 4.04 -34.73
N GLU A 393 17.67 4.60 -35.70
CA GLU A 393 18.31 5.21 -36.87
C GLU A 393 19.00 6.49 -36.42
N MET A 394 20.19 6.33 -35.85
CA MET A 394 20.97 7.43 -35.32
C MET A 394 22.15 7.81 -36.20
N GLY A 395 22.13 7.41 -37.47
CA GLY A 395 23.23 7.70 -38.36
C GLY A 395 22.90 7.24 -39.77
N SER A 396 23.69 7.77 -40.71
CA SER A 396 23.53 7.35 -42.11
C SER A 396 23.90 5.88 -42.28
N GLU A 397 24.96 5.43 -41.62
CA GLU A 397 25.36 4.03 -41.66
C GLU A 397 25.68 3.46 -40.27
N GLU A 398 25.56 4.26 -39.22
CA GLU A 398 25.84 3.83 -37.86
C GLU A 398 24.54 3.72 -37.08
N LYS A 399 24.37 2.60 -36.37
CA LYS A 399 23.13 2.31 -35.66
C LYS A 399 23.46 1.85 -34.25
N VAL A 400 22.46 1.97 -33.37
CA VAL A 400 22.56 1.49 -31.99
C VAL A 400 21.66 0.27 -31.86
N PHE A 401 22.24 -0.85 -31.44
CA PHE A 401 21.53 -2.11 -31.40
C PHE A 401 20.92 -2.32 -30.01
N VAL A 402 19.60 -2.46 -29.96
CA VAL A 402 18.88 -2.77 -28.74
C VAL A 402 18.08 -4.04 -29.00
N SER A 403 18.28 -5.05 -28.17
CA SER A 403 17.68 -6.35 -28.42
C SER A 403 16.17 -6.29 -28.19
N ASN A 404 15.46 -7.23 -28.81
CA ASN A 404 14.01 -7.29 -28.70
C ASN A 404 13.54 -8.28 -27.64
N GLU A 405 14.45 -8.91 -26.90
CA GLU A 405 14.06 -9.84 -25.85
C GLU A 405 14.30 -9.21 -24.49
N PRO A 406 13.26 -9.02 -23.69
CA PRO A 406 13.43 -8.41 -22.37
C PRO A 406 14.25 -9.29 -21.43
N VAL A 407 14.85 -8.64 -20.44
CA VAL A 407 15.70 -9.34 -19.49
C VAL A 407 14.88 -10.34 -18.69
N LYS A 408 15.40 -11.55 -18.53
CA LYS A 408 14.70 -12.63 -17.85
C LYS A 408 15.21 -12.76 -16.43
N PHE A 409 14.27 -12.87 -15.49
CA PHE A 409 14.58 -13.04 -14.07
C PHE A 409 14.33 -14.49 -13.68
N LYS A 410 15.21 -15.04 -12.85
CA LYS A 410 15.12 -16.41 -12.39
C LYS A 410 14.96 -16.43 -10.88
N GLY A 411 14.07 -17.29 -10.39
CA GLY A 411 13.74 -17.35 -8.98
C GLY A 411 14.07 -18.70 -8.36
N ASN A 412 13.75 -18.80 -7.07
CA ASN A 412 13.96 -20.03 -6.31
C ASN A 412 12.69 -20.60 -5.71
N VAL A 413 11.74 -19.76 -5.29
CA VAL A 413 10.51 -20.19 -4.65
C VAL A 413 9.34 -19.78 -5.53
N SER A 414 8.46 -20.74 -5.82
CA SER A 414 7.28 -20.50 -6.63
C SER A 414 6.02 -20.63 -5.77
N TYR A 415 4.88 -20.28 -6.37
CA TYR A 415 3.60 -20.37 -5.70
C TYR A 415 2.70 -21.30 -6.50
N ASN A 416 2.03 -22.21 -5.79
CA ASN A 416 1.38 -23.36 -6.40
C ASN A 416 0.17 -22.99 -7.26
N ILE A 417 -0.31 -21.75 -7.18
CA ILE A 417 -1.47 -21.23 -7.91
C ILE A 417 -2.56 -22.30 -8.03
N PRO A 418 -3.23 -22.65 -6.92
CA PRO A 418 -4.21 -23.74 -6.95
C PRO A 418 -5.59 -23.30 -7.46
N GLU A 419 -5.68 -23.17 -8.78
CA GLU A 419 -6.90 -22.80 -9.50
C GLU A 419 -7.69 -21.68 -8.82
N MET B 1 21.79 -14.59 -16.76
CA MET B 1 20.46 -14.64 -16.17
C MET B 1 20.48 -14.09 -14.75
N LYS B 2 19.43 -13.40 -14.35
CA LYS B 2 19.36 -12.74 -13.06
C LYS B 2 18.58 -13.58 -12.07
N GLU B 3 18.96 -13.46 -10.79
CA GLU B 3 18.46 -14.32 -9.73
C GLU B 3 17.48 -13.59 -8.83
N LEU B 4 16.54 -14.35 -8.26
CA LEU B 4 15.61 -13.86 -7.26
C LEU B 4 15.82 -14.63 -5.96
N ILE B 5 15.72 -13.94 -4.83
CA ILE B 5 15.83 -14.57 -3.52
C ILE B 5 14.52 -14.38 -2.78
N TYR B 6 14.35 -15.13 -1.71
CA TYR B 6 13.14 -15.11 -0.90
C TYR B 6 13.47 -14.72 0.53
N ILE B 7 12.57 -13.95 1.15
CA ILE B 7 12.76 -13.43 2.51
C ILE B 7 11.76 -14.14 3.41
N GLU B 8 12.24 -14.62 4.56
CA GLU B 8 11.43 -15.46 5.42
C GLU B 8 10.26 -14.66 6.02
N GLU B 9 9.22 -15.40 6.40
CA GLU B 9 8.00 -14.78 6.92
C GLU B 9 8.27 -14.10 8.26
N PRO B 10 7.72 -12.91 8.50
CA PRO B 10 8.04 -12.20 9.74
C PRO B 10 7.37 -12.78 10.98
N LYS B 11 6.09 -13.14 10.90
CA LYS B 11 5.29 -13.65 12.00
C LYS B 11 5.05 -12.59 13.08
N ILE B 12 3.92 -12.69 13.78
CA ILE B 12 3.52 -11.70 14.77
C ILE B 12 3.01 -12.40 16.02
N LEU B 13 3.37 -11.86 17.18
CA LEU B 13 3.00 -12.43 18.47
C LEU B 13 1.59 -12.01 18.86
N PHE B 14 0.98 -12.81 19.73
CA PHE B 14 -0.40 -12.63 20.13
C PHE B 14 -0.54 -13.05 21.60
N ALA B 15 -1.78 -13.29 22.03
CA ALA B 15 -2.05 -13.63 23.41
C ALA B 15 -1.40 -14.97 23.80
N HIS B 16 -1.13 -15.12 25.08
CA HIS B 16 -0.54 -16.33 25.67
C HIS B 16 0.86 -16.61 25.13
N GLY B 17 1.50 -15.62 24.52
CA GLY B 17 2.80 -15.84 23.89
C GLY B 17 2.77 -16.78 22.72
N GLN B 18 1.69 -16.77 21.93
CA GLN B 18 1.59 -17.58 20.74
C GLN B 18 2.15 -16.83 19.53
N LYS B 19 2.18 -17.50 18.39
CA LYS B 19 2.69 -16.90 17.15
C LYS B 19 1.78 -17.25 16.00
N CYS B 20 1.79 -16.40 14.99
CA CYS B 20 1.04 -16.62 13.75
C CYS B 20 1.54 -15.61 12.72
N THR B 21 0.97 -15.69 11.52
CA THR B 21 1.35 -14.81 10.43
C THR B 21 0.25 -13.84 10.02
N ASP B 22 -1.02 -14.23 10.16
CA ASP B 22 -2.14 -13.37 9.83
C ASP B 22 -2.70 -12.75 11.10
N ALA B 23 -2.85 -11.42 11.09
CA ALA B 23 -3.30 -10.72 12.29
C ALA B 23 -4.76 -11.06 12.63
N ARG B 24 -5.62 -11.16 11.63
CA ARG B 24 -7.04 -11.35 11.87
C ARG B 24 -7.31 -12.64 12.63
N ASP B 25 -6.78 -13.76 12.14
CA ASP B 25 -6.99 -15.03 12.82
C ASP B 25 -6.15 -15.11 14.09
N GLY B 26 -5.03 -14.39 14.15
CA GLY B 26 -4.28 -14.32 15.39
C GLY B 26 -5.08 -13.70 16.51
N LEU B 27 -5.92 -12.71 16.18
CA LEU B 27 -6.85 -12.18 17.17
C LEU B 27 -8.02 -13.13 17.40
N ALA B 28 -8.58 -13.70 16.34
CA ALA B 28 -9.81 -14.48 16.46
C ALA B 28 -9.59 -15.73 17.31
N LEU B 29 -8.50 -16.45 17.07
CA LEU B 29 -8.28 -17.72 17.76
C LEU B 29 -7.62 -17.56 19.11
N PHE B 30 -6.95 -16.44 19.36
CA PHE B 30 -6.09 -16.32 20.54
C PHE B 30 -6.38 -15.10 21.39
N GLY B 31 -6.85 -13.99 20.79
CA GLY B 31 -7.19 -12.82 21.54
C GLY B 31 -6.10 -11.75 21.55
N PRO B 32 -6.45 -10.55 22.00
CA PRO B 32 -5.47 -9.46 22.05
C PRO B 32 -4.53 -9.59 23.23
N LEU B 33 -3.50 -8.74 23.24
CA LEU B 33 -2.48 -8.81 24.28
C LEU B 33 -3.06 -8.61 25.66
N ASN B 34 -3.81 -7.52 25.86
CA ASN B 34 -4.34 -7.14 27.15
C ASN B 34 -5.85 -7.37 27.19
N ASN B 35 -6.43 -7.16 28.37
CA ASN B 35 -7.86 -7.37 28.61
C ASN B 35 -8.48 -6.07 29.08
N LEU B 36 -9.36 -5.50 28.26
CA LEU B 36 -10.03 -4.26 28.60
C LEU B 36 -11.32 -4.54 29.38
N TYR B 37 -11.86 -3.49 29.99
CA TYR B 37 -13.10 -3.59 30.75
C TYR B 37 -14.30 -3.19 29.90
N GLY B 38 -14.30 -1.98 29.35
CA GLY B 38 -15.39 -1.52 28.52
C GLY B 38 -15.03 -0.24 27.82
N ILE B 39 -15.84 0.11 26.82
CA ILE B 39 -15.66 1.32 26.04
C ILE B 39 -16.94 2.15 26.14
N LYS B 40 -16.78 3.44 26.42
CA LYS B 40 -17.89 4.38 26.50
C LYS B 40 -17.78 5.38 25.36
N SER B 41 -18.87 5.55 24.62
CA SER B 41 -18.87 6.35 23.40
C SER B 41 -19.84 7.52 23.53
N GLY B 42 -19.51 8.63 22.88
CA GLY B 42 -20.37 9.80 22.89
C GLY B 42 -20.44 10.48 21.55
N VAL B 43 -21.65 10.64 21.03
CA VAL B 43 -21.89 11.20 19.70
C VAL B 43 -22.12 12.70 19.80
N ILE B 44 -21.48 13.44 18.92
CA ILE B 44 -21.75 14.87 18.73
C ILE B 44 -22.38 15.01 17.36
N GLY B 45 -23.54 15.63 17.31
CA GLY B 45 -24.28 15.77 16.07
C GLY B 45 -25.76 15.81 16.35
N THR B 46 -26.54 15.60 15.29
CA THR B 46 -27.99 15.58 15.42
C THR B 46 -28.45 14.28 16.07
N LYS B 47 -29.76 14.14 16.24
CA LYS B 47 -30.31 12.86 16.68
C LYS B 47 -30.10 11.78 15.62
N GLN B 48 -30.01 12.19 14.34
CA GLN B 48 -29.74 11.22 13.28
C GLN B 48 -28.37 10.58 13.45
N GLY B 49 -27.37 11.38 13.83
CA GLY B 49 -26.06 10.81 14.11
C GLY B 49 -26.08 9.85 15.28
N LEU B 50 -26.87 10.19 16.31
CA LEU B 50 -27.06 9.26 17.43
C LEU B 50 -27.66 7.95 16.95
N LYS B 51 -28.69 8.01 16.11
CA LYS B 51 -29.32 6.80 15.61
C LYS B 51 -28.34 5.97 14.79
N ILE B 52 -27.57 6.62 13.92
CA ILE B 52 -26.62 5.91 13.07
C ILE B 52 -25.55 5.24 13.92
N PHE B 53 -25.01 5.96 14.91
CA PHE B 53 -23.97 5.40 15.76
C PHE B 53 -24.49 4.23 16.60
N ARG B 54 -25.71 4.36 17.13
CA ARG B 54 -26.30 3.25 17.88
C ARG B 54 -26.50 2.03 16.99
N ASP B 55 -26.98 2.24 15.76
CA ASP B 55 -27.14 1.13 14.83
C ASP B 55 -25.81 0.46 14.54
N TYR B 56 -24.75 1.26 14.34
CA TYR B 56 -23.44 0.68 14.06
C TYR B 56 -22.92 -0.11 15.26
N LEU B 57 -23.08 0.42 16.47
CA LEU B 57 -22.59 -0.31 17.65
C LEU B 57 -23.39 -1.57 17.90
N ASP B 58 -24.68 -1.58 17.54
CA ASP B 58 -25.44 -2.82 17.61
C ASP B 58 -25.00 -3.80 16.54
N HIS B 59 -24.61 -3.31 15.37
CA HIS B 59 -24.21 -4.20 14.28
C HIS B 59 -22.84 -4.82 14.53
N ILE B 60 -21.93 -4.08 15.17
CA ILE B 60 -20.57 -4.59 15.41
C ILE B 60 -20.56 -5.80 16.32
N GLN B 61 -21.45 -5.88 17.30
CA GLN B 61 -21.47 -7.00 18.23
C GLN B 61 -22.11 -8.25 17.65
N LYS B 62 -22.68 -8.19 16.45
CA LYS B 62 -23.39 -9.31 15.85
C LYS B 62 -22.56 -9.93 14.73
N PRO B 63 -22.78 -11.21 14.42
CA PRO B 63 -22.01 -11.85 13.34
C PRO B 63 -22.32 -11.23 11.99
N ILE B 64 -21.31 -11.23 11.12
CA ILE B 64 -21.39 -10.66 9.78
C ILE B 64 -20.96 -11.72 8.78
N TYR B 65 -21.74 -11.91 7.72
CA TYR B 65 -21.47 -12.91 6.71
C TYR B 65 -21.44 -12.28 5.32
N ASN B 66 -20.68 -12.91 4.43
CA ASN B 66 -20.57 -12.53 3.03
C ASN B 66 -21.01 -13.70 2.15
N SER B 67 -20.97 -13.48 0.84
CA SER B 67 -21.31 -14.54 -0.11
C SER B 67 -20.28 -15.67 -0.06
N ASN B 68 -19.00 -15.33 -0.14
CA ASN B 68 -17.91 -16.29 -0.08
C ASN B 68 -17.01 -15.93 1.09
N SER B 69 -16.78 -16.89 1.99
CA SER B 69 -15.95 -16.64 3.17
C SER B 69 -14.47 -16.86 2.91
N ILE B 70 -14.09 -17.36 1.73
CA ILE B 70 -12.68 -17.61 1.46
C ILE B 70 -11.90 -16.31 1.35
N THR B 71 -12.52 -15.28 0.78
CA THR B 71 -11.80 -14.03 0.53
C THR B 71 -11.42 -13.33 1.83
N ARG B 72 -12.38 -13.17 2.74
CA ARG B 72 -12.13 -12.46 3.99
C ARG B 72 -12.70 -13.23 5.17
N PRO B 73 -12.09 -13.08 6.34
CA PRO B 73 -12.65 -13.70 7.55
C PRO B 73 -13.96 -13.02 7.96
N MET B 74 -14.79 -13.77 8.68
CA MET B 74 -16.07 -13.25 9.12
C MET B 74 -15.92 -12.51 10.44
N PHE B 75 -16.90 -11.66 10.73
CA PHE B 75 -16.88 -10.84 11.94
C PHE B 75 -17.75 -11.49 12.99
N PRO B 76 -17.18 -11.98 14.10
CA PRO B 76 -18.00 -12.64 15.13
C PRO B 76 -18.48 -11.75 16.26
N GLY B 77 -17.98 -10.52 16.36
CA GLY B 77 -18.34 -9.65 17.46
C GLY B 77 -17.14 -9.04 18.15
N PHE B 78 -17.25 -7.78 18.56
CA PHE B 78 -16.12 -7.08 19.16
C PHE B 78 -15.76 -7.64 20.52
N GLU B 79 -16.76 -7.86 21.38
CA GLU B 79 -16.50 -8.33 22.73
C GLU B 79 -15.88 -9.73 22.73
N ALA B 80 -16.39 -10.62 21.88
CA ALA B 80 -15.89 -11.99 21.86
C ALA B 80 -14.43 -12.06 21.42
N VAL B 81 -13.99 -11.15 20.55
CA VAL B 81 -12.62 -11.18 20.06
C VAL B 81 -11.67 -10.31 20.87
N PHE B 82 -12.17 -9.33 21.61
CA PHE B 82 -11.31 -8.45 22.40
C PHE B 82 -11.53 -8.57 23.90
N ASP B 83 -12.55 -9.31 24.34
CA ASP B 83 -12.79 -9.58 25.77
C ASP B 83 -13.09 -8.30 26.54
N CYS B 84 -13.97 -7.47 25.97
CA CYS B 84 -14.46 -6.29 26.67
C CYS B 84 -15.76 -5.85 26.03
N LYS B 85 -16.74 -5.51 26.86
CA LYS B 85 -18.07 -5.17 26.39
C LYS B 85 -18.15 -3.69 26.02
N TRP B 86 -18.81 -3.41 24.91
CA TRP B 86 -18.93 -2.04 24.41
C TRP B 86 -20.18 -1.97 23.55
N GLU B 87 -21.21 -1.28 24.04
CA GLU B 87 -22.49 -1.21 23.37
C GLU B 87 -23.08 0.17 23.58
N SER B 88 -24.36 0.33 23.25
CA SER B 88 -25.05 1.61 23.37
C SER B 88 -25.78 1.73 24.71
N THR B 89 -25.00 1.62 25.79
CA THR B 89 -25.52 1.84 27.13
C THR B 89 -24.64 2.81 27.89
N GLY B 90 -23.34 2.77 27.62
CA GLY B 90 -22.41 3.71 28.22
C GLY B 90 -22.22 4.92 27.34
N ILE B 91 -23.31 5.60 27.00
CA ILE B 91 -23.30 6.64 25.99
C ILE B 91 -23.58 7.99 26.65
N THR B 92 -23.00 9.04 26.08
CA THR B 92 -23.28 10.42 26.47
C THR B 92 -23.58 11.21 25.21
N PHE B 93 -24.85 11.55 25.02
CA PHE B 93 -25.32 12.20 23.80
C PHE B 93 -25.36 13.70 23.99
N LYS B 94 -24.76 14.43 23.06
CA LYS B 94 -24.81 15.89 23.03
C LYS B 94 -25.56 16.34 21.78
N GLU B 95 -26.60 17.15 21.99
CA GLU B 95 -27.42 17.61 20.88
C GLU B 95 -26.67 18.62 20.02
N VAL B 96 -27.12 18.73 18.76
CA VAL B 96 -26.68 19.78 17.86
C VAL B 96 -27.94 20.33 17.20
N THR B 97 -28.28 21.57 17.51
CA THR B 97 -29.54 22.14 17.05
C THR B 97 -29.50 22.40 15.54
N ASN B 98 -30.56 21.96 14.84
CA ASN B 98 -30.66 22.20 13.41
C ASN B 98 -30.74 23.69 13.10
N GLU B 99 -31.27 24.48 14.03
CA GLU B 99 -31.32 25.92 13.84
C GLU B 99 -29.92 26.51 13.73
N ASP B 100 -29.00 26.04 14.57
CA ASP B 100 -27.62 26.50 14.49
C ASP B 100 -26.95 25.95 13.23
N ILE B 101 -27.30 24.74 12.81
CA ILE B 101 -26.73 24.17 11.58
C ILE B 101 -27.11 25.04 10.38
N GLY B 102 -28.38 25.44 10.30
CA GLY B 102 -28.83 26.22 9.16
C GLY B 102 -28.20 27.59 9.08
N LYS B 103 -27.91 28.21 10.22
CA LYS B 103 -27.42 29.59 10.22
C LYS B 103 -25.99 29.70 9.70
N PHE B 104 -25.25 28.60 9.61
CA PHE B 104 -23.87 28.65 9.16
C PHE B 104 -23.68 28.27 7.69
N LEU B 105 -24.57 27.46 7.14
CA LEU B 105 -24.48 27.12 5.72
C LEU B 105 -25.14 28.20 4.88
N TYR B 106 -24.75 29.46 5.12
CA TYR B 106 -25.34 30.60 4.42
C TYR B 106 -24.32 31.59 3.89
N ASN B 107 -23.10 31.62 4.43
CA ASN B 107 -22.12 32.63 4.04
C ASN B 107 -21.56 32.40 2.64
N SER B 108 -21.73 31.21 2.09
CA SER B 108 -21.21 30.81 0.78
C SER B 108 -19.69 30.85 0.71
N SER B 109 -19.02 31.05 1.84
CA SER B 109 -17.56 31.04 1.93
C SER B 109 -17.14 29.89 2.83
N THR B 110 -16.20 29.07 2.34
CA THR B 110 -15.83 27.86 3.07
C THR B 110 -15.11 28.18 4.37
N HIS B 111 -14.31 29.25 4.42
CA HIS B 111 -13.48 29.52 5.59
C HIS B 111 -14.34 29.82 6.82
N LYS B 112 -15.28 30.76 6.70
CA LYS B 112 -16.05 31.20 7.86
C LYS B 112 -16.90 30.07 8.41
N ARG B 113 -17.67 29.40 7.54
CA ARG B 113 -18.56 28.34 8.01
C ARG B 113 -17.77 27.12 8.46
N THR B 114 -16.61 26.85 7.86
CA THR B 114 -15.77 25.75 8.32
C THR B 114 -15.26 26.01 9.73
N TYR B 115 -14.72 27.21 9.97
CA TYR B 115 -14.24 27.54 11.30
C TYR B 115 -15.37 27.54 12.32
N ASP B 116 -16.55 28.02 11.91
CA ASP B 116 -17.70 28.00 12.79
C ASP B 116 -18.10 26.57 13.15
N LEU B 117 -18.07 25.66 12.16
CA LEU B 117 -18.39 24.26 12.45
C LEU B 117 -17.37 23.66 13.41
N VAL B 118 -16.08 23.92 13.19
CA VAL B 118 -15.05 23.37 14.07
C VAL B 118 -15.27 23.85 15.50
N SER B 119 -15.53 25.15 15.66
CA SER B 119 -15.77 25.69 17.00
C SER B 119 -17.04 25.11 17.62
N LEU B 120 -18.12 25.02 16.83
CA LEU B 120 -19.39 24.53 17.33
C LEU B 120 -19.35 23.07 17.71
N PHE B 121 -18.40 22.31 17.16
CA PHE B 121 -18.23 20.93 17.62
C PHE B 121 -17.29 20.84 18.82
N ILE B 122 -16.16 21.56 18.77
CA ILE B 122 -15.17 21.43 19.83
C ILE B 122 -15.69 21.99 21.16
N ASP B 123 -16.49 23.06 21.11
CA ASP B 123 -17.01 23.61 22.36
C ASP B 123 -17.97 22.64 23.03
N LYS B 124 -18.82 21.99 22.25
CA LYS B 124 -19.71 20.97 22.80
C LYS B 124 -18.92 19.81 23.38
N ILE B 125 -17.87 19.36 22.69
CA ILE B 125 -17.07 18.26 23.19
C ILE B 125 -16.42 18.64 24.54
N ILE B 126 -15.84 19.83 24.60
CA ILE B 126 -15.15 20.24 25.83
C ILE B 126 -16.14 20.44 26.97
N SER B 127 -17.31 21.02 26.67
CA SER B 127 -18.31 21.21 27.72
C SER B 127 -18.79 19.87 28.26
N ALA B 128 -19.03 18.90 27.38
CA ALA B 128 -19.43 17.56 27.82
C ALA B 128 -18.33 16.90 28.65
N ASN B 129 -17.08 17.06 28.22
CA ASN B 129 -15.97 16.44 28.94
C ASN B 129 -15.81 17.05 30.33
N LYS B 130 -15.99 18.36 30.46
CA LYS B 130 -15.71 19.04 31.72
C LYS B 130 -16.90 19.02 32.68
N ASN B 131 -18.05 19.52 32.24
CA ASN B 131 -19.17 19.82 33.14
C ASN B 131 -20.19 18.69 33.21
N GLU B 132 -19.74 17.44 33.10
CA GLU B 132 -20.63 16.29 33.23
C GLU B 132 -20.02 15.27 34.18
N ASP B 133 -20.89 14.54 34.88
CA ASP B 133 -20.45 13.54 35.84
C ASP B 133 -19.94 12.27 35.20
N GLU B 134 -20.28 12.04 33.93
CA GLU B 134 -19.83 10.84 33.23
C GLU B 134 -18.39 11.00 32.77
N ASN B 135 -17.76 9.89 32.42
CA ASN B 135 -16.38 9.86 31.91
C ASN B 135 -16.38 9.02 30.63
N VAL B 136 -16.55 9.68 29.48
CA VAL B 136 -16.58 8.98 28.21
C VAL B 136 -15.19 8.50 27.84
N ASP B 137 -15.10 7.29 27.29
CA ASP B 137 -13.80 6.72 26.95
C ASP B 137 -13.22 7.37 25.69
N VAL B 138 -13.93 7.26 24.57
CA VAL B 138 -13.50 7.85 23.31
C VAL B 138 -14.59 8.76 22.80
N TRP B 139 -14.23 10.00 22.46
CA TRP B 139 -15.18 10.95 21.91
C TRP B 139 -15.32 10.73 20.41
N PHE B 140 -16.54 10.55 19.94
CA PHE B 140 -16.81 10.25 18.55
C PHE B 140 -17.42 11.47 17.84
N VAL B 141 -16.99 11.69 16.61
CA VAL B 141 -17.39 12.85 15.82
C VAL B 141 -18.17 12.36 14.61
N ILE B 142 -19.38 12.88 14.44
CA ILE B 142 -20.22 12.58 13.29
C ILE B 142 -20.50 13.88 12.55
N VAL B 143 -20.26 13.89 11.24
CA VAL B 143 -20.32 15.08 10.42
C VAL B 143 -21.36 14.85 9.33
N PRO B 144 -22.30 15.77 9.11
CA PRO B 144 -23.22 15.64 7.97
C PRO B 144 -22.47 15.61 6.65
N ASP B 145 -22.96 14.80 5.72
CA ASP B 145 -22.23 14.53 4.48
C ASP B 145 -22.23 15.75 3.56
N GLU B 146 -23.39 16.36 3.33
CA GLU B 146 -23.51 17.38 2.28
C GLU B 146 -22.77 18.66 2.65
N ILE B 147 -22.82 19.06 3.92
CA ILE B 147 -22.20 20.32 4.33
C ILE B 147 -20.70 20.26 4.11
N TYR B 148 -20.06 19.17 4.52
CA TYR B 148 -18.64 19.00 4.26
C TYR B 148 -18.37 18.80 2.78
N LYS B 149 -19.27 18.11 2.08
CA LYS B 149 -19.12 17.93 0.64
C LYS B 149 -19.06 19.27 -0.08
N TYR B 150 -19.75 20.27 0.45
CA TYR B 150 -19.65 21.63 -0.06
C TYR B 150 -18.50 22.41 0.56
N CYS B 151 -17.77 21.80 1.51
CA CYS B 151 -16.63 22.44 2.15
C CYS B 151 -15.30 22.02 1.52
N ARG B 152 -15.31 21.70 0.23
CA ARG B 152 -14.07 21.36 -0.45
C ARG B 152 -13.15 22.57 -0.54
N PRO B 153 -11.84 22.37 -0.57
CA PRO B 153 -10.93 23.52 -0.60
C PRO B 153 -11.10 24.39 -1.84
N ASN B 154 -11.03 23.81 -3.03
CA ASN B 154 -11.19 24.57 -4.27
C ASN B 154 -12.63 24.44 -4.77
N SER B 155 -13.55 24.96 -3.98
CA SER B 155 -14.96 24.94 -4.33
C SER B 155 -15.67 26.13 -3.69
N VAL B 156 -16.81 26.49 -4.27
CA VAL B 156 -17.64 27.57 -3.77
C VAL B 156 -19.08 27.09 -3.73
N LEU B 157 -19.88 27.75 -2.91
CA LEU B 157 -21.29 27.41 -2.78
C LEU B 157 -22.07 27.95 -3.98
N PRO B 158 -22.77 27.11 -4.73
CA PRO B 158 -23.55 27.54 -5.90
C PRO B 158 -24.82 28.29 -5.52
N ALA B 197 -12.45 39.27 8.69
CA ALA B 197 -11.21 38.60 8.30
C ALA B 197 -10.66 37.77 9.46
N GLU B 198 -11.33 37.83 10.61
CA GLU B 198 -10.90 37.07 11.77
C GLU B 198 -11.01 35.56 11.51
N THR B 199 -12.09 35.13 10.87
CA THR B 199 -12.34 33.74 10.56
C THR B 199 -12.00 33.38 9.13
N TYR B 200 -11.33 34.27 8.39
CA TYR B 200 -10.98 34.01 7.00
C TYR B 200 -9.54 33.58 6.80
N ASN B 201 -8.66 33.87 7.75
CA ASN B 201 -7.24 33.49 7.64
C ASN B 201 -6.99 32.16 8.34
N TYR B 202 -7.66 31.12 7.86
CA TYR B 202 -7.53 29.79 8.43
C TYR B 202 -7.63 28.76 7.30
N ASP B 203 -7.47 27.49 7.67
CA ASP B 203 -7.51 26.41 6.68
C ASP B 203 -8.92 26.23 6.13
N ALA B 204 -9.01 25.65 4.94
CA ALA B 204 -10.26 25.42 4.25
C ALA B 204 -10.72 23.98 4.32
N GLN B 205 -10.27 23.23 5.33
CA GLN B 205 -10.65 21.84 5.50
C GLN B 205 -11.09 21.60 6.93
N PHE B 206 -11.99 20.63 7.11
CA PHE B 206 -12.63 20.38 8.40
C PHE B 206 -11.85 19.42 9.28
N HIS B 207 -11.57 18.22 8.79
CA HIS B 207 -10.98 17.18 9.61
C HIS B 207 -9.62 17.58 10.17
N ASP B 208 -8.79 18.19 9.31
CA ASP B 208 -7.43 18.53 9.73
C ASP B 208 -7.44 19.55 10.86
N GLN B 209 -8.19 20.63 10.69
CA GLN B 209 -8.27 21.67 11.71
C GLN B 209 -8.93 21.14 12.98
N PHE B 210 -9.97 20.31 12.82
CA PHE B 210 -10.66 19.76 13.99
C PHE B 210 -9.73 18.90 14.82
N LYS B 211 -8.91 18.07 14.16
CA LYS B 211 -7.96 17.26 14.90
C LYS B 211 -6.82 18.11 15.47
N ALA B 212 -6.46 19.20 14.79
CA ALA B 212 -5.40 20.05 15.30
C ALA B 212 -5.84 20.87 16.50
N ARG B 213 -7.15 21.11 16.66
CA ARG B 213 -7.63 21.92 17.77
C ARG B 213 -7.89 21.12 19.05
N LEU B 214 -7.84 19.79 19.00
CA LEU B 214 -8.00 18.95 20.18
C LEU B 214 -6.67 18.43 20.70
N LEU B 215 -5.55 18.95 20.20
CA LEU B 215 -4.24 18.46 20.62
C LEU B 215 -3.91 18.89 22.04
N LYS B 216 -4.29 20.12 22.43
CA LYS B 216 -3.97 20.62 23.75
C LYS B 216 -4.89 20.10 24.84
N HIS B 217 -5.93 19.36 24.48
CA HIS B 217 -6.84 18.77 25.46
C HIS B 217 -6.56 17.31 25.75
N THR B 218 -5.80 16.62 24.89
CA THR B 218 -5.47 15.20 25.04
C THR B 218 -6.72 14.38 25.31
N ILE B 219 -7.65 14.42 24.35
CA ILE B 219 -8.88 13.66 24.39
C ILE B 219 -8.88 12.73 23.17
N PRO B 220 -9.06 11.42 23.35
CA PRO B 220 -9.13 10.54 22.19
C PRO B 220 -10.40 10.77 21.39
N THR B 221 -10.26 11.39 20.23
CA THR B 221 -11.37 11.80 19.39
C THR B 221 -11.31 11.08 18.07
N GLN B 222 -12.43 10.49 17.66
CA GLN B 222 -12.51 9.74 16.41
C GLN B 222 -13.52 10.44 15.49
N ILE B 223 -13.09 10.76 14.27
CA ILE B 223 -13.90 11.51 13.32
C ILE B 223 -14.51 10.56 12.31
N PHE B 224 -15.83 10.48 12.29
CA PHE B 224 -16.59 9.69 11.33
C PHE B 224 -17.38 10.60 10.41
N ARG B 225 -17.25 10.38 9.11
CA ARG B 225 -18.19 10.96 8.15
C ARG B 225 -19.47 10.14 8.16
N GLU B 226 -20.61 10.83 8.00
CA GLU B 226 -21.89 10.14 8.02
C GLU B 226 -22.02 9.10 6.91
N SER B 227 -21.28 9.27 5.81
CA SER B 227 -21.37 8.31 4.71
C SER B 227 -20.87 6.94 5.12
N THR B 228 -19.80 6.89 5.93
CA THR B 228 -19.20 5.61 6.31
C THR B 228 -20.20 4.73 7.07
N LEU B 229 -20.67 5.22 8.23
CA LEU B 229 -21.50 4.39 9.08
C LEU B 229 -22.91 4.27 8.53
N ALA B 230 -23.48 5.35 8.00
CA ALA B 230 -24.80 5.31 7.37
C ALA B 230 -24.67 4.97 5.89
N TRP B 231 -23.96 3.86 5.64
CA TRP B 231 -23.75 3.39 4.27
C TRP B 231 -24.95 2.61 3.74
N ARG B 232 -25.91 2.27 4.59
CA ARG B 232 -27.06 1.48 4.18
C ARG B 232 -28.30 2.32 3.92
N ASP B 233 -28.35 3.56 4.40
CA ASP B 233 -29.50 4.44 4.22
C ASP B 233 -29.36 5.37 3.02
N PHE B 234 -28.25 5.32 2.30
CA PHE B 234 -28.01 6.16 1.14
C PHE B 234 -28.05 5.30 -0.11
N LYS B 235 -28.90 5.69 -1.06
CA LYS B 235 -29.06 4.96 -2.32
C LYS B 235 -29.10 5.97 -3.46
N ASN B 236 -29.39 5.48 -4.67
CA ASN B 236 -29.51 6.31 -5.86
C ASN B 236 -30.79 5.93 -6.59
N ALA B 237 -31.08 6.67 -7.65
CA ALA B 237 -32.28 6.41 -8.47
C ALA B 237 -31.96 5.47 -9.62
N PHE B 238 -31.38 4.31 -9.30
CA PHE B 238 -31.06 3.30 -10.29
C PHE B 238 -31.40 1.87 -9.84
N GLY B 239 -31.62 1.63 -8.56
CA GLY B 239 -31.91 0.31 -8.05
C GLY B 239 -30.70 -0.54 -7.74
N LEU B 240 -29.49 -0.08 -8.08
CA LEU B 240 -28.26 -0.80 -7.78
C LEU B 240 -27.22 0.17 -7.24
N PRO B 241 -26.45 -0.25 -6.23
CA PRO B 241 -25.41 0.63 -5.69
C PRO B 241 -24.33 0.90 -6.73
N ILE B 242 -23.77 2.11 -6.67
CA ILE B 242 -22.68 2.47 -7.56
C ILE B 242 -21.45 1.62 -7.28
N ARG B 243 -21.11 1.47 -6.00
CA ARG B 243 -19.98 0.66 -5.57
C ARG B 243 -20.47 -0.53 -4.76
N ASP B 244 -19.91 -1.70 -5.05
CA ASP B 244 -20.33 -2.94 -4.39
C ASP B 244 -19.68 -3.00 -3.01
N PHE B 245 -20.42 -2.53 -2.00
CA PHE B 245 -19.98 -2.55 -0.62
C PHE B 245 -20.46 -3.77 0.15
N SER B 246 -21.16 -4.70 -0.51
CA SER B 246 -21.70 -5.87 0.16
C SER B 246 -20.64 -6.93 0.47
N LYS B 247 -19.41 -6.77 -0.03
CA LYS B 247 -18.36 -7.74 0.19
C LYS B 247 -17.16 -7.15 0.92
N ILE B 248 -17.30 -5.97 1.51
CA ILE B 248 -16.22 -5.34 2.25
C ILE B 248 -16.73 -4.98 3.65
N GLU B 249 -17.93 -5.46 3.98
CA GLU B 249 -18.50 -5.16 5.29
C GLU B 249 -17.64 -5.72 6.41
N GLY B 250 -17.14 -6.94 6.24
CA GLY B 250 -16.35 -7.56 7.30
C GLY B 250 -15.08 -6.79 7.61
N HIS B 251 -14.36 -6.36 6.56
CA HIS B 251 -13.14 -5.60 6.81
C HIS B 251 -13.45 -4.21 7.36
N LEU B 252 -14.56 -3.61 6.95
CA LEU B 252 -14.99 -2.35 7.57
C LEU B 252 -15.18 -2.52 9.07
N ALA B 253 -15.90 -3.57 9.46
CA ALA B 253 -16.14 -3.83 10.87
C ALA B 253 -14.84 -4.11 11.61
N TRP B 254 -13.99 -4.98 11.05
CA TRP B 254 -12.72 -5.29 11.69
C TRP B 254 -11.87 -4.04 11.87
N THR B 255 -11.79 -3.21 10.82
CA THR B 255 -10.95 -2.03 10.85
C THR B 255 -11.43 -1.03 11.89
N ILE B 256 -12.72 -0.71 11.88
CA ILE B 256 -13.24 0.26 12.84
C ILE B 256 -13.12 -0.28 14.26
N SER B 257 -13.40 -1.57 14.46
CA SER B 257 -13.32 -2.14 15.80
C SER B 257 -11.89 -2.13 16.32
N THR B 258 -10.91 -2.50 15.48
CA THR B 258 -9.53 -2.50 15.91
C THR B 258 -9.06 -1.08 16.23
N ALA B 259 -9.40 -0.12 15.38
CA ALA B 259 -9.00 1.26 15.64
C ALA B 259 -9.61 1.78 16.93
N ALA B 260 -10.89 1.49 17.17
CA ALA B 260 -11.54 1.93 18.40
C ALA B 260 -10.90 1.28 19.62
N PHE B 261 -10.71 -0.04 19.58
CA PHE B 261 -10.10 -0.73 20.71
C PHE B 261 -8.72 -0.19 21.01
N TYR B 262 -7.96 0.17 19.96
CA TYR B 262 -6.68 0.82 20.18
C TYR B 262 -6.86 2.18 20.85
N LYS B 263 -7.85 2.95 20.39
CA LYS B 263 -8.10 4.27 20.98
C LYS B 263 -8.67 4.18 22.38
N ALA B 264 -9.10 3.00 22.82
CA ALA B 264 -9.57 2.81 24.18
C ALA B 264 -8.45 2.50 25.16
N GLY B 265 -7.20 2.44 24.68
CA GLY B 265 -6.07 2.13 25.52
C GLY B 265 -5.57 0.70 25.45
N GLY B 266 -6.11 -0.11 24.54
CA GLY B 266 -5.71 -1.49 24.40
C GLY B 266 -4.87 -1.72 23.15
N LYS B 267 -4.26 -2.90 23.09
CA LYS B 267 -3.40 -3.29 21.99
C LYS B 267 -3.90 -4.58 21.37
N PRO B 268 -4.13 -4.64 20.07
CA PRO B 268 -4.59 -5.89 19.46
C PRO B 268 -3.48 -6.92 19.33
N TRP B 269 -2.30 -6.53 18.87
CA TRP B 269 -1.21 -7.48 18.67
C TRP B 269 0.13 -6.75 18.76
N LYS B 270 1.19 -7.53 18.65
CA LYS B 270 2.55 -7.00 18.64
C LYS B 270 3.42 -7.92 17.79
N LEU B 271 4.73 -7.78 17.91
CA LEU B 271 5.68 -8.56 17.13
C LEU B 271 6.29 -9.68 17.97
N SER B 272 6.83 -10.68 17.28
CA SER B 272 7.40 -11.86 17.93
C SER B 272 8.90 -11.79 18.11
N ASP B 273 9.62 -11.07 17.25
CA ASP B 273 11.07 -11.10 17.23
C ASP B 273 11.64 -9.68 17.13
N VAL B 274 11.15 -8.78 17.97
CA VAL B 274 11.75 -7.45 18.09
C VAL B 274 13.03 -7.59 18.90
N ARG B 275 14.17 -7.50 18.23
CA ARG B 275 15.43 -7.65 18.93
C ARG B 275 15.88 -6.31 19.52
N ASN B 276 16.76 -6.40 20.50
CA ASN B 276 17.34 -5.18 21.08
C ASN B 276 18.18 -4.46 20.04
N GLY B 277 18.28 -3.14 20.20
CA GLY B 277 18.95 -2.34 19.21
C GLY B 277 18.11 -2.02 17.99
N VAL B 278 16.79 -2.15 18.10
CA VAL B 278 15.87 -1.87 17.01
C VAL B 278 14.99 -0.69 17.41
N CYS B 279 14.98 0.34 16.58
CA CYS B 279 14.11 1.51 16.81
C CYS B 279 13.80 2.11 15.45
N TYR B 280 12.65 1.76 14.89
CA TYR B 280 12.22 2.29 13.60
C TYR B 280 11.67 3.70 13.78
N LEU B 281 12.02 4.58 12.84
CA LEU B 281 11.63 5.97 12.90
C LEU B 281 11.25 6.46 11.51
N GLY B 282 10.14 7.18 11.42
CA GLY B 282 9.60 7.61 10.15
C GLY B 282 9.87 9.09 9.86
N LEU B 283 9.67 9.47 8.59
CA LEU B 283 9.92 10.84 8.16
C LEU B 283 9.18 11.05 6.85
N VAL B 284 8.12 11.87 6.88
CA VAL B 284 7.33 12.19 5.70
C VAL B 284 7.16 13.70 5.63
N TYR B 285 7.11 14.21 4.39
CA TYR B 285 7.03 15.65 4.13
C TYR B 285 5.63 16.01 3.66
N LYS B 286 5.17 17.20 4.08
CA LYS B 286 3.87 17.71 3.68
C LYS B 286 3.97 19.21 3.47
N LYS B 287 3.01 19.75 2.69
CA LYS B 287 2.96 21.17 2.37
C LYS B 287 1.63 21.76 2.83
N VAL B 288 1.69 23.01 3.30
CA VAL B 288 0.53 23.66 3.90
C VAL B 288 -0.32 24.40 2.88
N GLU B 289 0.06 24.41 1.61
CA GLU B 289 -0.69 25.03 0.53
C GLU B 289 -0.93 26.51 0.78
N LYS B 290 -2.09 26.85 1.34
CA LYS B 290 -2.52 28.25 1.48
C LYS B 290 -1.78 28.89 2.64
N SER B 291 -0.68 29.57 2.34
CA SER B 291 0.07 30.30 3.35
C SER B 291 0.97 31.32 2.65
N LYS B 292 1.44 32.29 3.42
CA LYS B 292 2.36 33.29 2.87
C LYS B 292 3.67 32.66 2.46
N ASN B 293 4.19 31.72 3.27
CA ASN B 293 5.42 30.99 2.98
C ASN B 293 5.09 29.55 2.65
N PRO B 294 5.94 28.87 1.86
CA PRO B 294 5.66 27.46 1.55
C PRO B 294 5.55 26.58 2.79
N ARG B 295 6.38 26.82 3.80
CA ARG B 295 6.28 26.17 5.11
C ARG B 295 6.16 24.65 4.98
N ASN B 296 7.22 24.04 4.47
CA ASN B 296 7.26 22.58 4.32
C ASN B 296 7.14 21.92 5.69
N ALA B 297 6.21 20.97 5.78
CA ALA B 297 5.90 20.31 7.05
C ALA B 297 6.44 18.89 7.02
N CYS B 298 7.30 18.56 7.98
CA CYS B 298 7.87 17.23 8.11
C CYS B 298 7.50 16.66 9.47
N CYS B 299 7.03 15.42 9.48
CA CYS B 299 6.57 14.76 10.69
C CYS B 299 7.20 13.39 10.81
N ALA B 300 7.26 12.88 12.03
CA ALA B 300 7.97 11.63 12.33
C ALA B 300 7.09 10.70 13.17
N ALA B 301 7.34 9.41 13.01
CA ALA B 301 6.69 8.36 13.80
C ALA B 301 7.75 7.33 14.17
N GLN B 302 7.54 6.62 15.27
CA GLN B 302 8.61 5.88 15.93
C GLN B 302 8.14 4.55 16.49
N MET B 303 8.55 3.44 15.87
CA MET B 303 8.57 2.15 16.54
C MET B 303 9.62 2.16 17.65
N PHE B 304 9.28 1.54 18.79
CA PHE B 304 10.27 1.12 19.78
C PHE B 304 9.64 0.35 20.93
N LEU B 305 10.47 -0.14 21.84
CA LEU B 305 10.04 -0.94 22.97
C LEU B 305 9.81 -0.07 24.20
N ASP B 306 8.84 -0.47 25.02
CA ASP B 306 8.46 0.30 26.21
C ASP B 306 8.75 -0.44 27.50
N ASN B 307 9.52 -1.53 27.46
CA ASN B 307 9.93 -2.34 28.61
C ASN B 307 8.76 -3.06 29.28
N GLY B 308 7.55 -2.97 28.73
CA GLY B 308 6.42 -3.68 29.28
C GLY B 308 6.15 -4.99 28.57
N ASP B 309 7.17 -5.49 27.88
CA ASP B 309 7.07 -6.71 27.07
C ASP B 309 6.04 -6.57 25.96
N GLY B 310 5.77 -5.33 25.54
CA GLY B 310 4.85 -5.07 24.46
C GLY B 310 5.51 -4.30 23.33
N THR B 311 4.71 -3.64 22.50
CA THR B 311 5.25 -2.84 21.41
C THR B 311 4.38 -1.58 21.30
N VAL B 312 4.83 -0.50 21.93
CA VAL B 312 4.08 0.75 22.00
C VAL B 312 4.52 1.66 20.86
N PHE B 313 3.55 2.19 20.13
CA PHE B 313 3.78 3.13 19.03
C PHE B 313 3.31 4.51 19.47
N LYS B 314 4.26 5.44 19.56
CA LYS B 314 3.96 6.82 19.91
C LYS B 314 4.60 7.76 18.89
N GLY B 315 3.92 8.85 18.59
CA GLY B 315 4.46 9.83 17.68
C GLY B 315 5.16 10.97 18.40
N GLU B 316 6.49 10.86 18.55
CA GLU B 316 7.28 11.90 19.19
C GLU B 316 7.52 13.04 18.20
N VAL B 317 6.42 13.64 17.78
CA VAL B 317 6.40 14.55 16.64
C VAL B 317 5.94 15.94 17.08
N GLY B 318 6.74 16.94 16.75
CA GLY B 318 6.34 18.32 16.78
C GLY B 318 6.81 19.01 15.52
N PRO B 319 5.88 19.50 14.70
CA PRO B 319 6.19 19.75 13.29
C PRO B 319 7.38 20.68 13.10
N TRP B 320 8.24 20.31 12.15
CA TRP B 320 9.45 21.06 11.83
C TRP B 320 9.28 21.74 10.49
N TYR B 321 9.57 23.04 10.43
CA TYR B 321 9.25 23.87 9.30
C TYR B 321 10.48 24.14 8.44
N ASN B 322 10.30 24.05 7.12
CA ASN B 322 11.35 24.38 6.16
C ASN B 322 10.94 25.61 5.38
N PRO B 323 11.53 26.77 5.66
CA PRO B 323 11.11 28.00 4.93
C PRO B 323 11.33 27.93 3.43
N LYS B 324 12.35 27.20 2.97
CA LYS B 324 12.64 27.14 1.54
C LYS B 324 11.50 26.46 0.78
N ASN B 325 11.35 26.85 -0.48
CA ASN B 325 10.23 26.43 -1.31
C ASN B 325 10.65 25.25 -2.19
N GLY B 326 9.81 24.21 -2.22
CA GLY B 326 10.03 23.08 -3.11
C GLY B 326 10.99 22.05 -2.57
N GLN B 327 11.98 22.49 -1.80
CA GLN B 327 12.97 21.57 -1.26
C GLN B 327 12.34 20.63 -0.25
N TYR B 328 12.82 19.39 -0.24
CA TYR B 328 12.33 18.34 0.64
C TYR B 328 13.46 17.82 1.53
N HIS B 329 14.21 18.74 2.11
CA HIS B 329 15.33 18.41 2.99
C HIS B 329 15.21 19.23 4.26
N LEU B 330 15.21 18.56 5.41
CA LEU B 330 15.24 19.29 6.67
C LEU B 330 16.55 20.04 6.85
N GLU B 331 16.46 21.21 7.47
CA GLU B 331 17.65 21.93 7.88
C GLU B 331 18.37 21.12 8.96
N PRO B 332 19.68 21.34 9.11
CA PRO B 332 20.40 20.62 10.18
C PRO B 332 19.77 20.73 11.56
N LYS B 333 19.28 21.91 11.92
CA LYS B 333 18.72 22.11 13.27
C LYS B 333 17.49 21.23 13.50
N GLU B 334 16.53 21.27 12.57
CA GLU B 334 15.28 20.55 12.77
C GLU B 334 15.50 19.03 12.74
N ALA B 335 16.30 18.55 11.79
CA ALA B 335 16.59 17.12 11.72
C ALA B 335 17.35 16.65 12.96
N LYS B 336 18.32 17.44 13.42
CA LYS B 336 19.03 17.10 14.63
C LYS B 336 18.09 17.03 15.83
N ALA B 337 17.15 17.98 15.91
CA ALA B 337 16.16 17.94 16.99
C ALA B 337 15.30 16.70 16.90
N LEU B 338 14.88 16.32 15.69
CA LEU B 338 14.06 15.12 15.53
C LEU B 338 14.80 13.89 16.04
N LEU B 339 16.04 13.70 15.59
CA LEU B 339 16.78 12.50 16.00
C LEU B 339 17.09 12.52 17.49
N SER B 340 17.43 13.69 18.04
CA SER B 340 17.70 13.77 19.47
C SER B 340 16.47 13.43 20.29
N GLN B 341 15.30 13.91 19.85
CA GLN B 341 14.06 13.60 20.57
C GLN B 341 13.76 12.11 20.50
N SER B 342 13.97 11.50 19.33
CA SER B 342 13.74 10.05 19.21
C SER B 342 14.65 9.27 20.15
N LEU B 343 15.94 9.62 20.17
CA LEU B 343 16.90 8.90 21.02
C LEU B 343 16.58 9.10 22.50
N GLN B 344 16.24 10.33 22.89
CA GLN B 344 15.90 10.60 24.28
C GLN B 344 14.64 9.85 24.70
N SER B 345 13.65 9.80 23.81
CA SER B 345 12.43 9.05 24.10
C SER B 345 12.75 7.58 24.33
N TYR B 346 13.59 7.00 23.46
CA TYR B 346 13.96 5.59 23.67
C TYR B 346 14.67 5.40 25.00
N LYS B 347 15.69 6.22 25.27
CA LYS B 347 16.50 6.01 26.47
C LYS B 347 15.67 6.18 27.73
N GLU B 348 14.82 7.21 27.79
CA GLU B 348 13.94 7.38 28.94
C GLU B 348 12.82 6.35 28.97
N GLN B 349 12.59 5.64 27.87
CA GLN B 349 11.57 4.60 27.84
C GLN B 349 12.11 3.23 28.21
N ILE B 350 13.35 2.92 27.83
CA ILE B 350 13.95 1.61 28.07
C ILE B 350 15.08 1.70 29.10
N GLY B 351 16.06 2.55 28.86
CA GLY B 351 17.15 2.71 29.81
C GLY B 351 18.52 2.82 29.17
N GLU B 352 18.60 2.55 27.86
CA GLU B 352 19.88 2.59 27.17
C GLU B 352 19.64 2.89 25.69
N TYR B 353 20.58 3.62 25.10
CA TYR B 353 20.50 3.94 23.69
C TYR B 353 20.68 2.68 22.84
N PRO B 354 19.78 2.42 21.89
CA PRO B 354 19.97 1.26 21.01
C PRO B 354 21.16 1.43 20.09
N LYS B 355 21.73 0.28 19.70
CA LYS B 355 22.84 0.26 18.74
C LYS B 355 22.44 0.77 17.37
N GLU B 356 21.27 0.34 16.86
CA GLU B 356 20.87 0.57 15.48
C GLU B 356 19.57 1.36 15.42
N VAL B 357 19.50 2.29 14.48
CA VAL B 357 18.31 3.10 14.23
C VAL B 357 18.01 3.08 12.74
N PHE B 358 16.75 2.81 12.40
CA PHE B 358 16.29 2.79 11.02
C PHE B 358 15.41 4.01 10.75
N ILE B 359 15.72 4.74 9.68
CA ILE B 359 14.99 5.93 9.30
C ILE B 359 14.40 5.68 7.92
N HIS B 360 13.14 5.28 7.88
CA HIS B 360 12.47 5.03 6.61
C HIS B 360 11.96 6.35 6.04
N ALA B 361 12.40 6.69 4.83
CA ALA B 361 12.11 7.98 4.23
C ALA B 361 11.60 7.80 2.80
N LYS B 362 10.76 8.74 2.37
CA LYS B 362 10.26 8.76 1.00
C LYS B 362 11.11 9.62 0.07
N THR B 363 12.14 10.29 0.61
CA THR B 363 13.03 11.12 -0.19
C THR B 363 14.48 10.77 0.16
N ARG B 364 15.38 11.14 -0.74
CA ARG B 364 16.80 10.92 -0.51
C ARG B 364 17.34 11.95 0.48
N PHE B 365 18.63 11.83 0.77
CA PHE B 365 19.27 12.66 1.78
C PHE B 365 20.44 13.43 1.16
N ASN B 366 20.82 14.51 1.83
CA ASN B 366 21.96 15.31 1.42
C ASN B 366 23.12 15.05 2.39
N HIS B 367 24.22 15.77 2.17
CA HIS B 367 25.39 15.59 3.02
C HIS B 367 25.18 16.24 4.39
N GLN B 368 24.63 17.46 4.42
CA GLN B 368 24.47 18.15 5.70
C GLN B 368 23.35 17.54 6.54
N GLU B 369 22.32 16.96 5.89
CA GLU B 369 21.28 16.26 6.64
C GLU B 369 21.86 15.03 7.34
N TRP B 370 22.71 14.27 6.64
CA TRP B 370 23.32 13.12 7.28
C TRP B 370 24.33 13.55 8.34
N ASP B 371 25.00 14.69 8.13
CA ASP B 371 25.84 15.24 9.18
C ASP B 371 25.02 15.57 10.43
N ALA B 372 23.83 16.15 10.23
CA ALA B 372 22.95 16.46 11.34
C ALA B 372 22.52 15.20 12.09
N PHE B 373 22.12 14.16 11.36
CA PHE B 373 21.81 12.90 12.02
C PHE B 373 23.03 12.27 12.69
N LEU B 374 24.22 12.53 12.17
CA LEU B 374 25.43 11.96 12.77
C LEU B 374 25.92 12.76 13.96
N GLU B 375 25.44 13.99 14.15
CA GLU B 375 25.92 14.80 15.27
C GLU B 375 25.44 14.28 16.61
N VAL B 376 24.24 13.69 16.67
CA VAL B 376 23.67 13.20 17.92
C VAL B 376 23.74 11.69 18.01
N THR B 377 24.39 11.02 17.07
CA THR B 377 24.51 9.58 17.12
C THR B 377 25.37 9.17 18.32
N PRO B 378 24.95 8.19 19.11
CA PRO B 378 25.75 7.78 20.27
C PRO B 378 27.09 7.21 19.83
N LYS B 379 27.98 7.05 20.82
CA LYS B 379 29.37 6.69 20.54
C LYS B 379 29.46 5.36 19.80
N GLU B 380 29.06 4.27 20.46
CA GLU B 380 29.14 2.94 19.86
C GLU B 380 27.79 2.55 19.27
N THR B 381 27.44 3.25 18.19
CA THR B 381 26.21 3.00 17.44
C THR B 381 26.44 3.30 15.97
N ASN B 382 25.53 2.80 15.13
CA ASN B 382 25.55 3.04 13.70
C ASN B 382 24.16 3.39 13.23
N LEU B 383 24.09 4.15 12.12
CA LEU B 383 22.84 4.67 11.60
C LEU B 383 22.61 4.15 10.18
N VAL B 384 21.36 3.79 9.89
CA VAL B 384 20.97 3.30 8.57
C VAL B 384 19.78 4.11 8.10
N GLY B 385 19.86 4.61 6.88
CA GLY B 385 18.75 5.32 6.27
C GLY B 385 18.22 4.61 5.03
N VAL B 386 17.00 4.11 5.12
CA VAL B 386 16.37 3.39 4.03
C VAL B 386 15.52 4.37 3.22
N THR B 387 15.81 4.45 1.93
CA THR B 387 15.03 5.27 1.01
C THR B 387 14.10 4.36 0.22
N ILE B 388 12.82 4.68 0.24
CA ILE B 388 11.80 3.86 -0.42
C ILE B 388 11.15 4.75 -1.48
N SER B 389 11.68 4.67 -2.69
CA SER B 389 11.09 5.38 -3.83
C SER B 389 9.95 4.53 -4.38
N LYS B 390 8.72 4.96 -4.12
CA LYS B 390 7.55 4.18 -4.51
C LYS B 390 7.41 4.07 -6.02
N THR B 391 7.69 5.14 -6.75
CA THR B 391 7.41 5.21 -8.19
C THR B 391 8.65 4.83 -8.97
N LYS B 392 8.60 3.67 -9.63
CA LYS B 392 9.66 3.20 -10.52
C LYS B 392 9.09 2.16 -11.47
N PRO B 393 9.26 2.32 -12.78
CA PRO B 393 8.63 1.40 -13.73
C PRO B 393 9.30 0.05 -13.79
N LEU B 394 8.63 -0.98 -13.26
CA LEU B 394 9.14 -2.35 -13.35
C LEU B 394 7.95 -3.29 -13.21
N LYS B 395 7.55 -3.92 -14.31
CA LYS B 395 6.43 -4.84 -14.32
C LYS B 395 6.93 -6.23 -14.67
N LEU B 396 6.59 -7.21 -13.84
CA LEU B 396 7.01 -8.58 -14.02
C LEU B 396 5.83 -9.46 -14.40
N TYR B 397 6.12 -10.47 -15.21
CA TYR B 397 5.09 -11.35 -15.76
C TYR B 397 5.45 -12.80 -15.47
N LYS B 398 4.49 -13.55 -14.95
CA LYS B 398 4.65 -14.99 -14.83
C LYS B 398 4.49 -15.64 -16.20
N THR B 399 5.23 -16.72 -16.42
CA THR B 399 5.24 -17.36 -17.73
C THR B 399 3.88 -17.94 -18.09
N GLU B 400 3.19 -18.57 -17.14
CA GLU B 400 1.93 -19.25 -17.41
C GLU B 400 0.74 -18.59 -16.72
N GLY B 401 0.78 -18.47 -15.38
CA GLY B 401 -0.37 -18.01 -14.65
C GLY B 401 -0.60 -16.52 -14.75
N ASP B 402 -1.86 -16.13 -14.58
CA ASP B 402 -2.24 -14.73 -14.62
C ASP B 402 -2.09 -14.02 -13.27
N TYR B 403 -1.87 -14.77 -12.19
CA TYR B 403 -1.54 -14.15 -10.91
C TYR B 403 -0.14 -13.56 -10.96
N THR B 404 0.07 -12.51 -10.18
CA THR B 404 1.29 -11.73 -10.25
C THR B 404 2.43 -12.44 -9.50
N ILE B 405 3.53 -11.73 -9.29
CA ILE B 405 4.67 -12.27 -8.58
C ILE B 405 4.33 -12.49 -7.12
N LEU B 406 4.93 -13.54 -6.54
CA LEU B 406 4.79 -13.80 -5.10
C LEU B 406 5.32 -12.63 -4.30
N ARG B 407 4.67 -12.38 -3.16
CA ARG B 407 4.93 -11.16 -2.39
C ARG B 407 6.38 -11.05 -1.91
N GLY B 408 6.80 -11.95 -1.03
CA GLY B 408 8.07 -11.79 -0.36
C GLY B 408 9.31 -11.98 -1.20
N ASN B 409 9.16 -11.90 -2.52
CA ASN B 409 10.32 -12.00 -3.40
C ASN B 409 11.19 -10.76 -3.29
N ALA B 410 12.48 -10.94 -3.60
CA ALA B 410 13.43 -9.85 -3.52
C ALA B 410 14.45 -10.00 -4.63
N TYR B 411 14.61 -8.94 -5.43
CA TYR B 411 15.55 -8.89 -6.54
C TYR B 411 16.74 -8.05 -6.15
N VAL B 412 17.89 -8.69 -5.98
CA VAL B 412 19.10 -8.02 -5.52
C VAL B 412 19.84 -7.48 -6.74
N VAL B 413 19.66 -6.20 -7.03
CA VAL B 413 20.44 -5.56 -8.08
C VAL B 413 21.90 -5.46 -7.67
N ASN B 414 22.15 -4.97 -6.46
CA ASN B 414 23.51 -4.68 -6.01
C ASN B 414 23.54 -4.84 -4.49
N GLU B 415 24.69 -4.52 -3.91
CA GLU B 415 24.84 -4.59 -2.46
C GLU B 415 24.05 -3.50 -1.74
N ARG B 416 23.79 -2.38 -2.41
CA ARG B 416 23.08 -1.25 -1.81
C ARG B 416 21.89 -0.84 -2.66
N SER B 417 21.12 -1.82 -3.13
CA SER B 417 19.90 -1.57 -3.90
C SER B 417 19.15 -2.88 -4.07
N ALA B 418 17.82 -2.81 -4.00
CA ALA B 418 17.01 -4.00 -4.19
C ALA B 418 15.55 -3.61 -4.38
N PHE B 419 14.83 -4.46 -5.09
CA PHE B 419 13.37 -4.38 -5.19
C PHE B 419 12.75 -5.35 -4.20
N LEU B 420 11.81 -4.87 -3.40
CA LEU B 420 11.06 -5.71 -2.48
C LEU B 420 9.58 -5.55 -2.78
N TRP B 421 8.95 -6.64 -3.23
CA TRP B 421 7.54 -6.62 -3.62
C TRP B 421 6.70 -6.66 -2.36
N THR B 422 6.59 -5.50 -1.69
CA THR B 422 5.77 -5.41 -0.49
C THR B 422 4.32 -5.77 -0.78
N VAL B 423 3.86 -5.53 -2.00
CA VAL B 423 2.58 -6.05 -2.46
C VAL B 423 2.86 -7.24 -3.36
N GLY B 424 1.96 -8.22 -3.30
CA GLY B 424 2.11 -9.39 -4.15
C GLY B 424 1.13 -10.48 -3.75
N TYR B 425 1.32 -11.64 -4.36
CA TYR B 425 0.49 -12.79 -4.05
C TYR B 425 0.76 -13.28 -2.63
N VAL B 426 -0.30 -13.56 -1.90
CA VAL B 426 -0.20 -14.04 -0.53
C VAL B 426 -0.61 -15.52 -0.51
N PRO B 427 0.30 -16.44 -0.24
CA PRO B 427 -0.09 -17.86 -0.17
C PRO B 427 -1.06 -18.16 0.96
N LYS B 428 -1.14 -17.31 1.99
CA LYS B 428 -2.00 -17.61 3.13
C LYS B 428 -3.47 -17.46 2.78
N ILE B 429 -3.82 -16.45 1.99
CA ILE B 429 -5.21 -16.18 1.63
C ILE B 429 -5.48 -16.40 0.15
N GLN B 430 -4.47 -16.86 -0.62
CA GLN B 430 -4.58 -17.30 -2.00
C GLN B 430 -5.14 -16.23 -2.95
N THR B 431 -5.36 -15.02 -2.47
CA THR B 431 -5.90 -13.93 -3.27
C THR B 431 -4.81 -12.90 -3.52
N ALA B 432 -5.16 -11.85 -4.27
CA ALA B 432 -4.24 -10.80 -4.63
C ALA B 432 -4.50 -9.55 -3.81
N LEU B 433 -3.46 -9.04 -3.13
CA LEU B 433 -3.60 -7.81 -2.37
C LEU B 433 -3.93 -6.63 -3.28
N SER B 434 -3.27 -6.54 -4.44
CA SER B 434 -3.49 -5.49 -5.41
C SER B 434 -4.24 -6.05 -6.62
N MET B 435 -4.66 -5.15 -7.50
CA MET B 435 -5.41 -5.51 -8.69
C MET B 435 -4.51 -5.69 -9.90
N GLU B 436 -3.76 -4.65 -10.27
CA GLU B 436 -2.91 -4.69 -11.45
C GLU B 436 -1.51 -5.14 -11.05
N VAL B 437 -0.57 -5.07 -11.99
CA VAL B 437 0.80 -5.49 -11.74
C VAL B 437 1.44 -4.53 -10.74
N PRO B 438 1.91 -5.02 -9.60
CA PRO B 438 2.44 -4.12 -8.58
C PRO B 438 3.76 -3.51 -9.00
N ASN B 439 4.06 -2.36 -8.41
CA ASN B 439 5.33 -1.70 -8.64
C ASN B 439 6.19 -1.89 -7.40
N PRO B 440 7.21 -2.73 -7.45
CA PRO B 440 8.02 -2.98 -6.24
C PRO B 440 8.71 -1.73 -5.73
N LEU B 441 8.77 -1.61 -4.41
CA LEU B 441 9.45 -0.48 -3.79
C LEU B 441 10.94 -0.59 -4.01
N PHE B 442 11.57 0.55 -4.28
CA PHE B 442 13.01 0.61 -4.51
C PHE B 442 13.70 0.96 -3.19
N ILE B 443 14.02 -0.07 -2.41
CA ILE B 443 14.70 0.10 -1.15
C ILE B 443 16.19 0.31 -1.41
N GLU B 444 16.68 1.53 -1.20
CA GLU B 444 18.09 1.86 -1.31
C GLU B 444 18.64 2.15 0.07
N ILE B 445 19.79 1.55 0.39
CA ILE B 445 20.54 1.96 1.56
C ILE B 445 21.28 3.23 1.16
N ASN B 446 20.64 4.38 1.37
CA ASN B 446 21.20 5.63 0.86
C ASN B 446 22.54 5.95 1.51
N LYS B 447 22.66 5.73 2.82
CA LYS B 447 23.91 5.93 3.52
C LYS B 447 24.04 4.84 4.59
N GLY B 448 25.25 4.72 5.13
CA GLY B 448 25.53 3.74 6.16
C GLY B 448 25.82 2.36 5.59
N GLU B 449 26.21 1.45 6.47
CA GLU B 449 26.52 0.08 6.12
C GLU B 449 25.55 -0.86 6.82
N ALA B 450 24.99 -1.79 6.06
CA ALA B 450 24.01 -2.73 6.60
C ALA B 450 23.98 -3.96 5.71
N ASP B 451 22.97 -4.81 5.90
CA ASP B 451 22.77 -6.00 5.12
C ASP B 451 21.44 -5.88 4.41
N ILE B 452 21.41 -6.22 3.12
CA ILE B 452 20.18 -6.05 2.34
C ILE B 452 19.12 -7.04 2.79
N LYS B 453 19.52 -8.27 3.12
CA LYS B 453 18.56 -9.27 3.58
C LYS B 453 17.87 -8.82 4.86
N GLN B 454 18.64 -8.33 5.82
CA GLN B 454 18.07 -7.93 7.10
C GLN B 454 17.16 -6.71 6.95
N VAL B 455 17.57 -5.73 6.15
CA VAL B 455 16.75 -4.54 5.94
C VAL B 455 15.45 -4.91 5.25
N LEU B 456 15.52 -5.75 4.22
CA LEU B 456 14.31 -6.16 3.53
C LEU B 456 13.38 -6.95 4.43
N LYS B 457 13.94 -7.82 5.27
CA LYS B 457 13.12 -8.59 6.20
C LYS B 457 12.44 -7.68 7.22
N ASP B 458 13.17 -6.70 7.75
CA ASP B 458 12.57 -5.77 8.71
C ASP B 458 11.48 -4.92 8.06
N ILE B 459 11.71 -4.47 6.83
CA ILE B 459 10.70 -3.69 6.13
C ILE B 459 9.45 -4.53 5.89
N LEU B 460 9.63 -5.79 5.49
CA LEU B 460 8.48 -6.67 5.30
C LEU B 460 7.74 -6.90 6.61
N SER B 461 8.49 -7.03 7.71
CA SER B 461 7.86 -7.24 9.02
C SER B 461 7.02 -6.03 9.42
N LEU B 462 7.52 -4.83 9.16
CA LEU B 462 6.80 -3.61 9.57
C LEU B 462 5.53 -3.36 8.78
N THR B 463 5.07 -4.25 7.92
CA THR B 463 3.86 -4.04 7.13
C THR B 463 2.61 -4.63 7.78
N LYS B 464 2.71 -5.10 9.03
CA LYS B 464 1.58 -5.68 9.73
C LYS B 464 1.24 -4.95 11.03
N LEU B 465 2.02 -3.94 11.41
CA LEU B 465 1.88 -3.29 12.70
C LEU B 465 0.97 -2.07 12.66
N ASN B 466 0.04 -2.01 11.72
CA ASN B 466 -0.95 -0.94 11.69
C ASN B 466 -2.13 -1.33 12.57
N TYR B 467 -2.74 -0.34 13.22
CA TYR B 467 -3.91 -0.56 14.03
C TYR B 467 -5.13 0.17 13.49
N ASN B 468 -4.97 0.98 12.44
CA ASN B 468 -6.14 1.51 11.73
C ASN B 468 -6.99 0.37 11.19
N ALA B 469 -6.42 -0.42 10.29
CA ALA B 469 -7.09 -1.57 9.70
C ALA B 469 -6.35 -2.85 10.08
N CYS B 470 -7.08 -3.81 10.61
CA CYS B 470 -6.54 -5.14 10.88
C CYS B 470 -6.42 -5.87 9.55
N ILE B 471 -5.21 -5.87 8.98
CA ILE B 471 -4.96 -6.40 7.65
C ILE B 471 -3.97 -7.55 7.76
N PHE B 472 -3.67 -8.15 6.60
CA PHE B 472 -2.61 -9.15 6.55
C PHE B 472 -1.23 -8.49 6.47
N ALA B 473 -1.02 -7.65 5.46
CA ALA B 473 0.23 -6.92 5.30
C ALA B 473 -0.05 -5.64 4.55
N ASP B 474 0.81 -4.65 4.77
CA ASP B 474 0.64 -3.34 4.15
C ASP B 474 1.61 -3.20 2.97
N GLY B 475 1.16 -2.48 1.94
CA GLY B 475 2.00 -2.28 0.78
C GLY B 475 3.08 -1.25 0.97
N GLU B 476 3.00 -0.47 2.05
CA GLU B 476 3.97 0.54 2.37
C GLU B 476 4.23 0.35 3.87
N PRO B 477 5.46 0.53 4.34
CA PRO B 477 5.70 0.44 5.78
C PRO B 477 4.86 1.47 6.53
N VAL B 478 4.32 1.05 7.67
CA VAL B 478 3.54 1.95 8.50
C VAL B 478 4.42 3.04 9.09
N THR B 479 5.73 2.82 9.15
CA THR B 479 6.65 3.86 9.59
C THR B 479 6.71 5.02 8.59
N LEU B 480 6.29 4.79 7.35
CA LEU B 480 6.20 5.85 6.35
C LEU B 480 4.77 6.30 6.07
N ARG B 481 3.78 5.68 6.71
CA ARG B 481 2.39 6.05 6.52
C ARG B 481 1.77 6.73 7.74
N PHE B 482 2.10 6.28 8.95
CA PHE B 482 1.58 6.95 10.14
C PHE B 482 2.19 8.33 10.30
N ALA B 483 3.45 8.51 9.88
CA ALA B 483 4.03 9.85 9.85
C ALA B 483 3.28 10.75 8.89
N ASP B 484 2.88 10.22 7.74
CA ASP B 484 2.09 11.01 6.80
C ASP B 484 0.73 11.38 7.37
N LYS B 485 0.09 10.44 8.07
CA LYS B 485 -1.20 10.76 8.69
C LYS B 485 -1.04 11.80 9.79
N ILE B 486 0.04 11.72 10.57
CA ILE B 486 0.37 12.77 11.53
C ILE B 486 0.52 14.10 10.81
N GLY B 487 1.23 14.11 9.68
CA GLY B 487 1.43 15.34 8.94
C GLY B 487 0.12 15.96 8.47
N GLU B 488 -0.77 15.14 7.92
CA GLU B 488 -2.05 15.67 7.49
C GLU B 488 -2.95 16.05 8.65
N ILE B 489 -2.72 15.51 9.85
CA ILE B 489 -3.49 15.90 11.02
C ILE B 489 -3.01 17.25 11.55
N LEU B 490 -1.75 17.32 11.93
CA LEU B 490 -1.20 18.52 12.57
C LEU B 490 -0.57 19.48 11.57
N THR B 491 -1.32 19.80 10.53
CA THR B 491 -0.92 20.81 9.55
C THR B 491 -1.75 22.08 9.60
N ALA B 492 -3.06 21.96 9.83
CA ALA B 492 -3.97 23.09 9.73
C ALA B 492 -3.71 24.17 10.78
N SER B 493 -2.97 23.87 11.84
CA SER B 493 -2.63 24.87 12.84
C SER B 493 -1.24 24.60 13.37
N THR B 494 -0.52 25.67 13.72
CA THR B 494 0.87 25.57 14.14
C THR B 494 1.14 26.14 15.53
N ASP B 495 0.12 26.65 16.21
CA ASP B 495 0.30 27.26 17.52
C ASP B 495 0.21 26.27 18.67
N ILE B 496 0.02 24.98 18.38
CA ILE B 496 -0.18 24.00 19.44
C ILE B 496 1.13 23.73 20.15
N LYS B 497 1.09 23.81 21.48
CA LYS B 497 2.21 23.41 22.33
C LYS B 497 1.83 22.16 23.11
N THR B 498 2.84 21.37 23.49
CA THR B 498 2.67 20.10 24.16
C THR B 498 1.81 19.18 23.29
N PRO B 499 2.33 18.70 22.16
CA PRO B 499 1.51 17.87 21.28
C PRO B 499 1.23 16.52 21.91
N PRO B 500 0.14 15.85 21.52
CA PRO B 500 -0.13 14.51 22.03
C PRO B 500 0.93 13.52 21.56
N LEU B 501 1.12 12.48 22.36
CA LEU B 501 2.14 11.47 22.10
C LEU B 501 1.56 10.24 21.40
N ALA B 502 0.55 9.62 22.00
CA ALA B 502 0.03 8.36 21.50
C ALA B 502 -0.67 8.54 20.17
N PHE B 503 -0.87 7.43 19.47
CA PHE B 503 -1.52 7.40 18.17
C PHE B 503 -3.03 7.22 18.26
N LYS B 504 -3.59 7.08 19.46
CA LYS B 504 -5.04 7.03 19.58
C LYS B 504 -5.67 8.31 19.07
N TYR B 505 -4.97 9.44 19.22
CA TYR B 505 -5.56 10.73 18.92
C TYR B 505 -5.63 10.98 17.41
N TYR B 506 -4.60 10.54 16.67
CA TYR B 506 -4.47 10.94 15.27
C TYR B 506 -5.10 9.94 14.31
N ILE B 507 -4.98 8.65 14.57
CA ILE B 507 -5.49 7.63 13.65
C ILE B 507 -7.01 7.60 13.66
MG MG E . -7.27 9.49 12.46
#